data_5GR1
#
_entry.id   5GR1
#
_cell.length_a   134.001
_cell.length_b   134.001
_cell.length_c   181.511
_cell.angle_alpha   90.00
_cell.angle_beta   90.00
_cell.angle_gamma   90.00
#
_symmetry.space_group_name_H-M   'P 41 21 2'
#
loop_
_entity.id
_entity.type
_entity.pdbx_description
1 polymer '1,4-alpha-glucan branching enzyme GlgB'
2 branched alpha-D-glucopyranose-(1-4)-alpha-D-glucopyranose
3 branched alpha-D-glucopyranose-(1-4)-alpha-D-glucopyranose-(1-4)-alpha-D-glucopyranose
4 branched alpha-D-glucopyranose-(1-4)-alpha-D-glucopyranose-(1-4)-alpha-D-glucopyranose-(1-4)-alpha-D-glucopyranose
5 branched alpha-D-glucopyranose-(1-4)-alpha-D-glucopyranose-(1-4)-alpha-D-glucopyranose-(1-4)-alpha-D-glucopyranose-(1-4)-alpha-D-glucopyranose-(1-4)-alpha-D-glucopyranose-(1-4)-alpha-D-glucopyranose
6 non-polymer GLYCEROL
7 non-polymer 'MAGNESIUM ION'
8 water water
#
_entity_poly.entity_id   1
_entity_poly.type   'polypeptide(L)'
_entity_poly.pdbx_seq_one_letter_code
;MGSSHHHHHHSSGLVPRGSHMTTTISADQVNQIIYNLHHDPFEILGCHLLEEGKNTKKWVVRAYLPKAEAAWVIRPTERK
EDPMNSVHHPNFFECIIETPELNHYQLKVKEGEHEKVIYDPYAFSSPYLTDEDIYLFSEGNHHRIYEKLGAHVGEINGVK
GVYFAVWAPNARNVSVIGDFNNWDGREHQMRKRNYTIWELFVPEIGSGTVYKYEIKNSEGHIYEKSDPYGFYREVRPNTA
SIVVDIDNIYQWHDEEWLEKRRNSDPLKQPVSVYEVHLGSWLHGSSAEKMPLLNGEADPVIVSEWNPGARFLSYYELAEK
LIPYVKDMGYTHIELLPIAEHPFDGSWGYQVTGFYSPTSRFGRPEDFMYFVDKCHENGIGVILDWVPGHFPKDSHGLAYF
DGTHLYEHADPRIGEHKEWGTLVFNYGRHEVRNFLVANVLFWFDKYHVDGIRVDAVASMLYRNYLRKEGEWIANEYGGDE
HIEAVSFIREVNTLLFEYFPGILSIAEESTEWEKVSRPVAAGGLGFNLKWDMGWMHDMLDYFNIDPYFRQYHQNNVTFSM
LYYYNENFMLALSHDEIVHGKSNMLGKMPGDEWQKYANVRALFTYMYTHPGKKTMFMSMEFGQWSEWNVWGDLEWHLLQY
EPHQQLKQFFTDLNALYQQEPALYTHDFEYHGFEWIDCNDNTHSVVSFLRRSDDPNDSLVVVCNFTPQPHSHYRIGVPEA
GYYVELFNSDAKQYGGSNMGNLGGKWADEWSFHNKPYSLDLCLPPLAVLILKLDPTKVPEGTTIKEIAADEEE
;
_entity_poly.pdbx_strand_id   A
#
loop_
_chem_comp.id
_chem_comp.type
_chem_comp.name
_chem_comp.formula
GLC D-saccharide, alpha linking alpha-D-glucopyranose 'C6 H12 O6'
GOL non-polymer GLYCEROL 'C3 H8 O3'
MG non-polymer 'MAGNESIUM ION' 'Mg 2'
#
# COMPACT_ATOMS: atom_id res chain seq x y z
N ILE A 25 -36.52 14.23 -16.67
CA ILE A 25 -36.20 15.67 -17.05
C ILE A 25 -36.48 16.27 -18.48
N SER A 26 -36.76 17.56 -18.56
CA SER A 26 -37.05 18.22 -19.86
C SER A 26 -35.83 18.79 -20.60
N ALA A 27 -36.07 19.01 -21.87
CA ALA A 27 -35.03 19.47 -22.77
C ALA A 27 -34.63 20.92 -22.48
N ASP A 28 -35.55 21.73 -22.01
CA ASP A 28 -35.25 23.09 -21.60
C ASP A 28 -34.32 23.07 -20.39
N GLN A 29 -34.59 22.15 -19.48
CA GLN A 29 -33.74 22.03 -18.30
C GLN A 29 -32.32 21.59 -18.68
N VAL A 30 -32.23 20.63 -19.61
CA VAL A 30 -30.95 20.14 -20.08
C VAL A 30 -30.20 21.27 -20.73
N ASN A 31 -30.92 22.05 -21.51
CA ASN A 31 -30.24 23.09 -22.25
C ASN A 31 -29.83 24.19 -21.37
N GLN A 32 -30.58 24.44 -20.31
CA GLN A 32 -30.11 25.42 -19.33
C GLN A 32 -28.73 24.98 -18.86
N ILE A 33 -28.54 23.70 -18.61
CA ILE A 33 -27.26 23.25 -18.14
C ILE A 33 -26.20 23.37 -19.22
N ILE A 34 -26.47 22.90 -20.41
CA ILE A 34 -25.44 22.83 -21.45
C ILE A 34 -24.92 24.22 -21.77
N TYR A 35 -25.81 25.22 -21.78
CA TYR A 35 -25.46 26.58 -22.16
C TYR A 35 -25.27 27.45 -20.91
N ASN A 36 -25.12 26.81 -19.78
CA ASN A 36 -24.70 27.53 -18.59
C ASN A 36 -25.68 28.63 -18.19
N LEU A 37 -26.95 28.35 -18.34
CA LEU A 37 -27.97 29.29 -17.95
C LEU A 37 -28.63 28.87 -16.69
N HIS A 38 -28.32 27.68 -16.17
CA HIS A 38 -29.11 27.20 -15.05
C HIS A 38 -28.67 27.88 -13.76
N HIS A 39 -29.63 28.17 -12.90
CA HIS A 39 -29.38 28.96 -11.71
C HIS A 39 -28.65 28.18 -10.63
N ASP A 40 -28.87 26.89 -10.56
CA ASP A 40 -28.18 26.02 -9.61
C ASP A 40 -28.21 24.54 -10.09
N PRO A 41 -27.11 24.09 -10.70
CA PRO A 41 -27.01 22.73 -11.27
C PRO A 41 -27.14 21.61 -10.27
N PHE A 42 -27.02 21.90 -8.99
CA PHE A 42 -27.20 20.90 -7.97
C PHE A 42 -28.64 20.48 -7.85
N GLU A 43 -29.57 21.29 -8.33
CA GLU A 43 -30.97 20.90 -8.32
C GLU A 43 -31.27 19.71 -9.29
N ILE A 44 -30.42 19.50 -10.28
CA ILE A 44 -30.69 18.62 -11.43
C ILE A 44 -29.61 17.50 -11.48
N LEU A 45 -28.31 17.87 -11.39
CA LEU A 45 -27.19 16.92 -11.38
C LEU A 45 -27.02 16.27 -10.01
N GLY A 46 -26.38 15.11 -9.97
CA GLY A 46 -26.29 14.37 -8.74
C GLY A 46 -27.40 13.35 -8.60
N CYS A 47 -27.61 12.93 -7.38
CA CYS A 47 -28.53 11.90 -7.03
C CYS A 47 -29.74 12.55 -6.43
N HIS A 48 -30.93 12.32 -6.97
CA HIS A 48 -32.14 12.92 -6.39
C HIS A 48 -33.18 11.83 -6.24
N LEU A 49 -33.88 11.89 -5.12
CA LEU A 49 -34.99 11.02 -4.79
C LEU A 49 -36.19 11.25 -5.68
N LEU A 50 -36.62 10.23 -6.38
CA LEU A 50 -37.80 10.38 -7.18
C LEU A 50 -39.05 9.89 -6.43
N GLU A 51 -39.01 8.71 -5.79
CA GLU A 51 -40.17 8.25 -5.01
C GLU A 51 -39.87 7.15 -4.05
N GLU A 52 -40.75 6.98 -3.07
CA GLU A 52 -40.57 6.02 -1.98
C GLU A 52 -41.57 4.97 -2.27
N GLY A 53 -41.16 3.73 -2.23
CA GLY A 53 -42.03 2.57 -2.45
C GLY A 53 -42.13 1.85 -1.12
N LYS A 54 -42.67 0.64 -1.08
CA LYS A 54 -42.90 -0.02 0.20
C LYS A 54 -41.59 -0.43 0.82
N ASN A 55 -40.75 -1.09 0.04
CA ASN A 55 -39.50 -1.66 0.54
C ASN A 55 -38.24 -0.97 0.05
N THR A 56 -38.36 -0.27 -1.09
CA THR A 56 -37.23 0.26 -1.85
C THR A 56 -37.55 1.66 -2.26
N LYS A 57 -36.59 2.34 -2.84
CA LYS A 57 -36.86 3.65 -3.43
C LYS A 57 -36.40 3.82 -4.86
N LYS A 58 -37.00 4.76 -5.59
CA LYS A 58 -36.60 5.07 -6.96
C LYS A 58 -35.79 6.35 -6.96
N TRP A 59 -34.56 6.30 -7.49
CA TRP A 59 -33.70 7.48 -7.58
C TRP A 59 -33.31 7.73 -8.97
N VAL A 60 -32.88 8.95 -9.24
CA VAL A 60 -32.25 9.26 -10.54
C VAL A 60 -30.90 9.92 -10.25
N VAL A 61 -29.90 9.49 -11.02
CA VAL A 61 -28.61 10.17 -11.02
C VAL A 61 -28.46 10.80 -12.38
N ARG A 62 -28.05 12.06 -12.38
CA ARG A 62 -27.81 12.76 -13.63
C ARG A 62 -26.41 13.37 -13.67
N ALA A 63 -25.79 13.40 -14.83
CA ALA A 63 -24.48 13.98 -15.01
C ALA A 63 -24.33 14.66 -16.37
N TYR A 64 -23.69 15.81 -16.42
CA TYR A 64 -23.35 16.45 -17.64
C TYR A 64 -21.90 16.18 -17.85
N LEU A 65 -21.54 15.45 -18.91
CA LEU A 65 -20.15 14.95 -19.14
C LEU A 65 -19.72 15.28 -20.55
N PRO A 66 -19.29 16.51 -20.79
CA PRO A 66 -18.98 16.90 -22.17
C PRO A 66 -17.83 16.04 -22.65
N LYS A 67 -17.79 15.70 -23.93
CA LYS A 67 -16.80 14.71 -24.40
C LYS A 67 -16.99 13.21 -24.01
N ALA A 68 -18.03 12.84 -23.26
CA ALA A 68 -18.21 11.43 -22.91
C ALA A 68 -19.23 10.90 -23.85
N GLU A 69 -18.94 9.74 -24.42
CA GLU A 69 -19.92 9.01 -25.25
C GLU A 69 -20.85 8.24 -24.42
N ALA A 70 -20.36 7.73 -23.30
CA ALA A 70 -21.15 6.83 -22.48
C ALA A 70 -20.80 6.91 -20.99
N ALA A 71 -21.72 6.46 -20.13
CA ALA A 71 -21.51 6.53 -18.69
C ALA A 71 -22.25 5.42 -17.98
N TRP A 72 -21.78 5.03 -16.80
CA TRP A 72 -22.49 4.14 -15.97
C TRP A 72 -22.48 4.60 -14.51
N VAL A 73 -23.51 4.21 -13.77
CA VAL A 73 -23.49 4.39 -12.35
C VAL A 73 -23.13 3.06 -11.69
N ILE A 74 -22.02 3.09 -10.93
CA ILE A 74 -21.55 1.95 -10.16
C ILE A 74 -22.08 2.01 -8.76
N ARG A 75 -22.65 0.89 -8.34
CA ARG A 75 -22.99 0.79 -6.91
C ARG A 75 -22.09 -0.23 -6.32
N PRO A 76 -20.88 0.22 -5.90
CA PRO A 76 -19.84 -0.70 -5.57
C PRO A 76 -20.14 -1.59 -4.39
N THR A 77 -20.83 -1.08 -3.37
CA THR A 77 -21.09 -1.89 -2.20
C THR A 77 -22.21 -2.93 -2.40
N GLU A 78 -23.02 -2.74 -3.42
CA GLU A 78 -23.99 -3.73 -3.85
C GLU A 78 -23.43 -4.49 -5.06
N ARG A 79 -22.25 -4.17 -5.54
CA ARG A 79 -21.67 -4.88 -6.66
C ARG A 79 -22.53 -4.82 -7.95
N LYS A 80 -22.93 -3.60 -8.33
CA LYS A 80 -23.76 -3.42 -9.50
C LYS A 80 -23.26 -2.29 -10.33
N GLU A 81 -23.66 -2.39 -11.61
CA GLU A 81 -23.37 -1.39 -12.61
C GLU A 81 -24.64 -1.26 -13.45
N ASP A 82 -25.05 -0.03 -13.70
CA ASP A 82 -26.21 0.29 -14.49
C ASP A 82 -25.78 1.32 -15.48
N PRO A 83 -26.18 1.13 -16.72
CA PRO A 83 -25.81 2.17 -17.69
C PRO A 83 -26.68 3.38 -17.53
N MET A 84 -26.08 4.52 -17.87
CA MET A 84 -26.73 5.82 -17.97
C MET A 84 -27.10 6.04 -19.45
N ASN A 85 -28.20 6.73 -19.70
CA ASN A 85 -28.63 7.03 -21.09
C ASN A 85 -28.50 8.51 -21.41
N SER A 86 -28.04 8.81 -22.60
CA SER A 86 -28.13 10.21 -23.03
C SER A 86 -29.59 10.67 -22.97
N VAL A 87 -29.83 11.91 -22.61
CA VAL A 87 -31.19 12.44 -22.61
C VAL A 87 -31.17 13.89 -23.09
N HIS A 88 -31.81 14.11 -24.24
CA HIS A 88 -31.92 15.43 -24.95
C HIS A 88 -30.60 15.95 -25.57
N HIS A 89 -29.47 15.46 -25.08
CA HIS A 89 -28.19 15.89 -25.62
C HIS A 89 -27.26 14.76 -25.40
N PRO A 90 -26.29 14.54 -26.28
CA PRO A 90 -25.46 13.35 -26.15
C PRO A 90 -24.54 13.33 -24.94
N ASN A 91 -24.29 14.47 -24.31
CA ASN A 91 -23.43 14.47 -23.15
C ASN A 91 -24.16 14.71 -21.90
N PHE A 92 -25.48 14.65 -21.93
CA PHE A 92 -26.24 14.79 -20.71
C PHE A 92 -26.87 13.46 -20.44
N PHE A 93 -26.58 12.92 -19.28
CA PHE A 93 -26.94 11.56 -18.91
C PHE A 93 -27.82 11.47 -17.68
N GLU A 94 -28.76 10.51 -17.70
CA GLU A 94 -29.64 10.12 -16.58
C GLU A 94 -29.56 8.62 -16.38
N CYS A 95 -29.72 8.17 -15.13
CA CYS A 95 -29.82 6.76 -14.78
C CYS A 95 -30.83 6.66 -13.69
N ILE A 96 -31.80 5.74 -13.82
CA ILE A 96 -32.83 5.60 -12.80
C ILE A 96 -32.58 4.30 -12.08
N ILE A 97 -32.58 4.31 -10.75
CA ILE A 97 -32.22 3.11 -10.02
C ILE A 97 -33.19 2.88 -8.89
N GLU A 98 -33.60 1.63 -8.68
CA GLU A 98 -34.42 1.25 -7.52
C GLU A 98 -33.58 0.49 -6.51
N THR A 99 -33.41 1.10 -5.36
CA THR A 99 -32.73 0.48 -4.25
C THR A 99 -33.10 1.27 -3.02
N PRO A 100 -33.10 0.63 -1.86
CA PRO A 100 -33.55 1.41 -0.67
C PRO A 100 -32.74 2.61 -0.33
N GLU A 101 -31.41 2.48 -0.26
CA GLU A 101 -30.54 3.60 0.10
C GLU A 101 -29.63 3.75 -1.08
N LEU A 102 -29.24 4.98 -1.40
CA LEU A 102 -28.30 5.17 -2.48
C LEU A 102 -27.24 6.14 -2.00
N ASN A 103 -26.43 5.67 -1.08
CA ASN A 103 -25.40 6.48 -0.47
C ASN A 103 -24.08 6.45 -1.22
N HIS A 104 -23.78 5.28 -1.74
CA HIS A 104 -22.48 4.99 -2.23
C HIS A 104 -22.59 4.70 -3.70
N TYR A 105 -22.13 5.62 -4.52
CA TYR A 105 -21.98 5.31 -5.91
C TYR A 105 -20.79 5.98 -6.53
N GLN A 106 -20.44 5.48 -7.71
CA GLN A 106 -19.44 6.07 -8.56
C GLN A 106 -19.94 6.22 -9.99
N LEU A 107 -19.35 7.16 -10.76
CA LEU A 107 -19.60 7.30 -12.18
C LEU A 107 -18.48 6.71 -12.95
N LYS A 108 -18.82 5.92 -13.94
CA LYS A 108 -17.86 5.43 -14.90
C LYS A 108 -18.12 6.18 -16.20
N VAL A 109 -17.08 6.76 -16.75
CA VAL A 109 -17.22 7.69 -17.84
C VAL A 109 -16.29 7.34 -19.00
N LYS A 110 -16.84 7.19 -20.19
CA LYS A 110 -16.08 6.77 -21.32
C LYS A 110 -15.94 7.93 -22.30
N GLU A 111 -14.70 8.40 -22.50
CA GLU A 111 -14.35 9.51 -23.42
C GLU A 111 -13.53 8.87 -24.54
N GLY A 112 -14.18 8.65 -25.66
CA GLY A 112 -13.55 7.90 -26.76
C GLY A 112 -13.20 6.47 -26.37
N GLU A 113 -11.91 6.20 -26.37
CA GLU A 113 -11.43 4.84 -26.12
C GLU A 113 -10.94 4.67 -24.66
N HIS A 114 -11.14 5.69 -23.82
CA HIS A 114 -10.75 5.58 -22.39
C HIS A 114 -11.90 5.62 -21.37
N GLU A 115 -11.73 4.88 -20.26
CA GLU A 115 -12.72 4.89 -19.17
C GLU A 115 -12.09 5.41 -17.88
N LYS A 116 -12.78 6.29 -17.18
CA LYS A 116 -12.39 6.67 -15.84
C LYS A 116 -13.53 6.44 -14.89
N VAL A 117 -13.20 6.31 -13.62
CA VAL A 117 -14.16 6.10 -12.59
C VAL A 117 -13.93 7.11 -11.49
N ILE A 118 -14.97 7.83 -11.16
CA ILE A 118 -14.88 8.93 -10.27
C ILE A 118 -16.10 9.02 -9.37
N TYR A 119 -15.94 9.80 -8.32
CA TYR A 119 -17.02 10.08 -7.48
C TYR A 119 -17.79 11.17 -8.17
N ASP A 120 -19.11 11.25 -7.89
CA ASP A 120 -19.90 12.20 -8.61
C ASP A 120 -19.59 13.63 -8.09
N PRO A 121 -19.07 14.49 -8.94
CA PRO A 121 -18.82 15.85 -8.44
C PRO A 121 -20.02 16.57 -7.89
N TYR A 122 -21.21 16.20 -8.30
CA TYR A 122 -22.41 16.88 -7.79
C TYR A 122 -23.14 16.09 -6.70
N ALA A 123 -22.42 15.17 -6.09
CA ALA A 123 -22.98 14.39 -4.97
C ALA A 123 -23.39 15.19 -3.76
N PHE A 124 -22.69 16.26 -3.42
CA PHE A 124 -22.92 17.01 -2.18
C PHE A 124 -23.17 18.48 -2.53
N SER A 125 -24.36 18.95 -2.22
CA SER A 125 -24.74 20.34 -2.47
C SER A 125 -23.98 21.24 -1.52
N SER A 126 -24.11 20.85 -0.25
CA SER A 126 -23.75 21.66 0.91
C SER A 126 -22.47 21.18 1.58
N PRO A 127 -21.60 22.11 1.97
CA PRO A 127 -20.40 21.86 2.80
C PRO A 127 -20.68 21.36 4.23
N TYR A 128 -21.84 21.71 4.78
CA TYR A 128 -22.20 21.32 6.14
C TYR A 128 -22.71 19.93 6.27
N LEU A 129 -22.81 19.47 7.50
CA LEU A 129 -23.34 18.15 7.70
C LEU A 129 -24.86 18.13 7.62
N THR A 130 -25.39 17.21 6.85
CA THR A 130 -26.83 16.90 6.81
C THR A 130 -27.28 15.85 7.82
N ASP A 131 -28.58 15.71 8.02
CA ASP A 131 -29.10 14.60 8.83
C ASP A 131 -28.68 13.25 8.28
N GLU A 132 -28.60 13.14 6.96
CA GLU A 132 -28.15 11.92 6.33
C GLU A 132 -26.67 11.62 6.66
N ASP A 133 -25.77 12.61 6.59
CA ASP A 133 -24.37 12.42 6.96
C ASP A 133 -24.26 11.88 8.37
N ILE A 134 -24.95 12.53 9.29
CA ILE A 134 -24.87 12.17 10.70
C ILE A 134 -25.40 10.77 10.98
N TYR A 135 -26.53 10.43 10.40
CA TYR A 135 -27.13 9.12 10.60
C TYR A 135 -26.20 8.07 10.10
N LEU A 136 -25.71 8.24 8.88
CA LEU A 136 -24.79 7.28 8.30
C LEU A 136 -23.52 7.10 9.15
N PHE A 137 -22.95 8.22 9.57
CA PHE A 137 -21.81 8.22 10.51
C PHE A 137 -22.09 7.42 11.80
N SER A 138 -23.26 7.62 12.36
CA SER A 138 -23.61 6.92 13.61
C SER A 138 -23.79 5.45 13.45
N GLU A 139 -24.10 5.01 12.24
CA GLU A 139 -24.19 3.59 11.95
C GLU A 139 -22.79 3.08 11.55
N GLY A 140 -21.85 4.00 11.36
CA GLY A 140 -20.54 3.64 10.91
C GLY A 140 -20.37 3.37 9.42
N ASN A 141 -21.29 3.81 8.56
CA ASN A 141 -21.21 3.48 7.16
C ASN A 141 -21.03 4.66 6.22
N HIS A 142 -20.44 5.77 6.69
CA HIS A 142 -20.25 6.92 5.82
C HIS A 142 -18.87 6.87 5.19
N HIS A 143 -18.81 6.25 4.04
CA HIS A 143 -17.56 5.97 3.40
C HIS A 143 -16.84 7.22 2.89
N ARG A 144 -17.55 8.31 2.83
CA ARG A 144 -16.95 9.58 2.50
C ARG A 144 -17.01 10.63 3.60
N ILE A 145 -17.03 10.21 4.87
CA ILE A 145 -17.19 11.16 5.97
C ILE A 145 -16.17 12.27 6.00
N TYR A 146 -15.00 12.01 5.44
CA TYR A 146 -13.93 13.02 5.32
C TYR A 146 -14.25 14.19 4.46
N GLU A 147 -15.40 14.14 3.81
CA GLU A 147 -15.81 15.29 2.98
C GLU A 147 -16.49 16.33 3.87
N LYS A 148 -16.97 15.85 5.01
CA LYS A 148 -17.73 16.70 5.89
C LYS A 148 -17.05 16.91 7.26
N LEU A 149 -16.52 15.85 7.88
CA LEU A 149 -15.68 16.08 9.08
C LEU A 149 -14.34 16.56 8.65
N GLY A 150 -13.71 17.37 9.49
CA GLY A 150 -12.41 17.92 9.18
C GLY A 150 -12.53 19.40 9.00
N ALA A 151 -11.83 19.95 8.03
CA ALA A 151 -11.92 21.35 7.69
C ALA A 151 -12.00 21.43 6.17
N HIS A 152 -13.01 22.14 5.65
CA HIS A 152 -13.19 22.32 4.19
C HIS A 152 -13.56 23.76 3.86
N VAL A 153 -12.87 24.28 2.86
CA VAL A 153 -13.23 25.50 2.22
C VAL A 153 -14.64 25.37 1.57
N GLY A 154 -15.45 26.41 1.67
CA GLY A 154 -16.87 26.30 1.40
C GLY A 154 -17.58 27.62 1.40
N GLU A 155 -18.84 27.60 0.97
CA GLU A 155 -19.67 28.80 1.04
C GLU A 155 -20.94 28.49 1.84
N ILE A 156 -21.21 29.35 2.82
CA ILE A 156 -22.44 29.29 3.61
C ILE A 156 -23.03 30.70 3.77
N ASN A 157 -24.37 30.78 3.60
CA ASN A 157 -25.12 32.05 3.74
C ASN A 157 -24.52 33.16 2.91
N GLY A 158 -23.87 32.75 1.82
CA GLY A 158 -23.38 33.60 0.74
C GLY A 158 -21.96 34.03 0.88
N VAL A 159 -21.23 33.41 1.80
CA VAL A 159 -19.92 33.89 2.18
C VAL A 159 -18.90 32.78 2.07
N LYS A 160 -17.78 33.06 1.39
CA LYS A 160 -16.64 32.16 1.34
C LYS A 160 -16.00 32.02 2.73
N GLY A 161 -15.66 30.81 3.16
CA GLY A 161 -14.99 30.60 4.45
C GLY A 161 -14.49 29.17 4.57
N VAL A 162 -14.41 28.68 5.82
CA VAL A 162 -14.04 27.35 6.10
C VAL A 162 -15.04 26.78 7.06
N TYR A 163 -15.53 25.58 6.76
CA TYR A 163 -16.35 24.80 7.68
C TYR A 163 -15.50 23.75 8.38
N PHE A 164 -15.72 23.63 9.68
CA PHE A 164 -14.94 22.79 10.54
C PHE A 164 -15.94 21.93 11.23
N ALA A 165 -15.62 20.67 11.44
CA ALA A 165 -16.51 19.83 12.16
C ALA A 165 -15.72 18.69 12.81
N VAL A 166 -16.18 18.21 13.97
CA VAL A 166 -15.41 17.23 14.72
C VAL A 166 -16.27 16.42 15.65
N TRP A 167 -16.07 15.10 15.65
CA TRP A 167 -16.75 14.19 16.56
C TRP A 167 -16.13 14.28 17.97
N ALA A 168 -16.98 14.61 18.97
CA ALA A 168 -16.60 14.73 20.42
C ALA A 168 -17.84 14.71 21.28
N PRO A 169 -18.50 13.57 21.29
CA PRO A 169 -19.80 13.57 21.88
C PRO A 169 -19.81 13.94 23.37
N ASN A 170 -18.79 13.56 24.18
CA ASN A 170 -18.84 13.86 25.63
C ASN A 170 -18.15 15.15 25.98
N ALA A 171 -17.74 15.93 25.02
CA ALA A 171 -17.15 17.23 25.36
C ALA A 171 -18.19 18.18 25.94
N ARG A 172 -17.74 19.14 26.73
CA ARG A 172 -18.67 20.08 27.32
C ARG A 172 -18.77 21.22 26.39
N ASN A 173 -17.62 21.64 25.89
CA ASN A 173 -17.57 22.67 24.87
C ASN A 173 -16.35 22.49 23.95
N VAL A 174 -16.36 23.10 22.73
CA VAL A 174 -15.28 22.99 21.77
C VAL A 174 -15.19 24.26 20.97
N SER A 175 -14.00 24.77 20.69
CA SER A 175 -13.89 26.00 19.92
C SER A 175 -12.78 25.80 18.92
N VAL A 176 -12.56 26.76 18.08
CA VAL A 176 -11.54 26.64 17.12
C VAL A 176 -10.61 27.81 17.34
N ILE A 177 -9.33 27.48 17.40
CA ILE A 177 -8.26 28.41 17.70
C ILE A 177 -7.27 28.32 16.60
N GLY A 178 -6.61 29.44 16.30
CA GLY A 178 -5.63 29.48 15.25
C GLY A 178 -5.10 30.85 14.92
N ASP A 179 -4.25 30.89 13.92
CA ASP A 179 -3.70 32.16 13.49
C ASP A 179 -4.83 33.25 13.48
N PHE A 180 -5.95 32.97 12.82
CA PHE A 180 -7.00 33.97 12.53
C PHE A 180 -7.66 34.68 13.75
N ASN A 181 -7.72 34.05 14.92
CA ASN A 181 -8.23 34.65 16.18
C ASN A 181 -7.18 34.60 17.40
N ASN A 182 -5.89 34.78 17.05
CA ASN A 182 -4.72 34.51 17.96
C ASN A 182 -4.96 33.49 19.03
N TRP A 183 -5.47 32.34 18.65
CA TRP A 183 -5.47 31.15 19.54
C TRP A 183 -6.39 31.28 20.73
N ASP A 184 -7.28 32.25 20.64
CA ASP A 184 -8.32 32.37 21.65
C ASP A 184 -9.67 32.26 20.88
N GLY A 185 -10.44 31.23 21.26
CA GLY A 185 -11.69 30.91 20.57
C GLY A 185 -12.95 31.17 21.41
N ARG A 186 -12.95 32.25 22.18
CA ARG A 186 -14.14 32.61 22.94
C ARG A 186 -15.25 32.96 21.95
N GLU A 187 -14.92 33.77 20.96
CA GLU A 187 -15.83 34.06 19.86
C GLU A 187 -15.95 33.03 18.72
N HIS A 188 -15.47 31.80 18.89
CA HIS A 188 -15.52 30.79 17.83
C HIS A 188 -15.85 29.49 18.47
N GLN A 189 -16.84 29.51 19.32
CA GLN A 189 -17.33 28.32 19.91
C GLN A 189 -18.15 27.69 18.84
N MET A 190 -18.35 26.38 18.97
CA MET A 190 -18.84 25.55 17.92
C MET A 190 -20.20 25.05 18.37
N ARG A 191 -21.09 24.81 17.43
CA ARG A 191 -22.41 24.32 17.78
C ARG A 191 -22.40 22.82 17.76
N LYS A 192 -23.00 22.22 18.75
CA LYS A 192 -23.02 20.78 18.83
C LYS A 192 -24.34 20.19 18.28
N ARG A 193 -24.24 19.15 17.42
CA ARG A 193 -25.38 18.54 16.78
C ARG A 193 -25.53 17.11 17.15
N ASN A 194 -26.79 16.72 17.36
CA ASN A 194 -27.24 15.35 17.68
C ASN A 194 -26.48 14.71 18.79
N TYR A 195 -25.99 15.57 19.71
CA TYR A 195 -25.21 15.12 20.86
C TYR A 195 -23.96 14.33 20.39
N THR A 196 -23.27 14.81 19.36
CA THR A 196 -22.24 13.95 18.79
C THR A 196 -21.22 14.71 18.07
N ILE A 197 -21.61 15.63 17.20
CA ILE A 197 -20.61 16.36 16.43
C ILE A 197 -20.66 17.84 16.57
N TRP A 198 -19.49 18.49 16.56
CA TRP A 198 -19.38 19.93 16.81
C TRP A 198 -19.05 20.62 15.51
N GLU A 199 -19.72 21.71 15.15
CA GLU A 199 -19.47 22.31 13.84
C GLU A 199 -19.36 23.79 13.93
N LEU A 200 -18.82 24.39 12.89
CA LEU A 200 -18.68 25.83 12.83
C LEU A 200 -18.13 26.27 11.51
N PHE A 201 -18.67 27.38 11.03
CA PHE A 201 -18.18 27.99 9.83
C PHE A 201 -17.60 29.27 10.22
N VAL A 202 -16.55 29.64 9.52
CA VAL A 202 -15.83 30.80 9.78
C VAL A 202 -15.58 31.44 8.48
N PRO A 203 -16.05 32.66 8.33
CA PRO A 203 -15.94 33.37 7.08
C PRO A 203 -14.60 33.97 6.87
N GLU A 204 -14.24 34.10 5.62
CA GLU A 204 -13.17 34.93 5.15
C GLU A 204 -11.83 34.34 5.33
N ILE A 205 -11.74 33.23 6.05
CA ILE A 205 -10.55 32.40 5.97
C ILE A 205 -10.59 31.30 4.87
N GLY A 206 -9.38 30.88 4.52
CA GLY A 206 -9.10 29.98 3.40
C GLY A 206 -8.00 28.95 3.70
N SER A 207 -7.39 28.42 2.65
CA SER A 207 -6.46 27.35 2.88
C SER A 207 -5.16 27.97 3.42
N GLY A 208 -4.40 27.22 4.21
CA GLY A 208 -3.23 27.75 4.97
C GLY A 208 -3.57 28.07 6.42
N THR A 209 -4.84 28.33 6.70
CA THR A 209 -5.23 28.53 8.05
C THR A 209 -4.65 27.43 8.91
N VAL A 210 -3.92 27.84 9.94
CA VAL A 210 -3.35 26.95 10.99
C VAL A 210 -4.27 26.99 12.16
N TYR A 211 -4.53 25.85 12.82
CA TYR A 211 -5.63 25.74 13.77
C TYR A 211 -5.63 24.41 14.53
N LYS A 212 -6.38 24.39 15.65
CA LYS A 212 -6.69 23.20 16.42
C LYS A 212 -8.06 23.38 17.08
N TYR A 213 -8.51 22.30 17.68
CA TYR A 213 -9.73 22.30 18.41
C TYR A 213 -9.40 22.45 19.91
N GLU A 214 -9.86 23.55 20.52
CA GLU A 214 -9.88 23.71 21.99
C GLU A 214 -11.04 22.93 22.54
N ILE A 215 -10.77 21.86 23.26
CA ILE A 215 -11.82 21.09 23.88
C ILE A 215 -11.81 21.24 25.42
N LYS A 216 -12.99 21.41 26.01
CA LYS A 216 -13.17 21.32 27.42
C LYS A 216 -13.97 20.10 27.67
N ASN A 217 -13.45 19.21 28.52
CA ASN A 217 -14.08 17.93 28.78
C ASN A 217 -15.03 17.94 30.00
N SER A 218 -15.62 16.78 30.34
CA SER A 218 -16.63 16.71 31.41
C SER A 218 -16.15 17.22 32.78
N GLU A 219 -14.84 17.47 32.97
CA GLU A 219 -14.29 17.93 34.26
C GLU A 219 -13.67 19.32 34.21
N GLY A 220 -14.00 20.13 33.22
CA GLY A 220 -13.44 21.48 33.14
C GLY A 220 -12.10 21.54 32.45
N HIS A 221 -11.51 20.38 32.14
CA HIS A 221 -10.15 20.41 31.56
C HIS A 221 -10.13 20.83 30.10
N ILE A 222 -9.20 21.71 29.76
CA ILE A 222 -9.19 22.46 28.53
C ILE A 222 -7.97 22.22 27.64
N TYR A 223 -7.86 20.99 27.13
CA TYR A 223 -6.76 20.59 26.24
C TYR A 223 -6.95 20.93 24.75
N GLU A 224 -5.85 21.04 24.00
CA GLU A 224 -5.86 21.27 22.56
C GLU A 224 -5.61 19.99 21.73
N LYS A 225 -6.29 19.90 20.58
CA LYS A 225 -6.20 18.72 19.73
C LYS A 225 -5.93 19.10 18.30
N SER A 226 -4.96 18.41 17.74
CA SER A 226 -4.88 18.32 16.27
C SER A 226 -6.23 17.79 15.73
N ASP A 227 -6.59 18.25 14.53
CA ASP A 227 -7.82 17.76 13.80
C ASP A 227 -7.66 16.29 13.38
N PRO A 228 -8.40 15.36 13.98
CA PRO A 228 -8.29 13.99 13.55
C PRO A 228 -8.45 13.78 12.03
N TYR A 229 -9.34 14.54 11.39
CA TYR A 229 -9.59 14.46 9.97
C TYR A 229 -8.79 15.48 9.17
N GLY A 230 -7.77 16.06 9.79
CA GLY A 230 -7.06 17.15 9.16
C GLY A 230 -6.20 16.65 8.04
N PHE A 231 -6.04 17.53 7.03
CA PHE A 231 -5.38 17.12 5.80
C PHE A 231 -3.98 17.54 5.53
N TYR A 232 -3.42 18.21 6.54
CA TYR A 232 -2.07 18.75 6.47
C TYR A 232 -1.70 19.18 7.86
N ARG A 233 -0.42 19.15 8.15
CA ARG A 233 -0.02 19.49 9.53
C ARG A 233 1.29 20.21 9.59
N GLU A 234 1.50 20.90 10.69
CA GLU A 234 2.80 21.53 10.85
C GLU A 234 3.84 20.43 10.93
N VAL A 235 5.06 20.82 10.61
CA VAL A 235 6.22 19.93 10.77
C VAL A 235 6.51 19.57 12.23
N ARG A 236 6.59 18.27 12.47
CA ARG A 236 6.91 17.74 13.79
C ARG A 236 8.16 18.49 14.31
N PRO A 237 8.22 18.86 15.59
CA PRO A 237 7.29 18.43 16.68
C PRO A 237 6.02 19.30 16.83
N ASN A 238 5.88 20.40 16.10
CA ASN A 238 4.57 21.12 16.08
C ASN A 238 3.39 20.28 15.50
N THR A 239 2.17 20.58 15.91
CA THR A 239 1.06 19.72 15.64
C THR A 239 -0.27 20.42 15.25
N ALA A 240 -0.20 21.69 14.87
CA ALA A 240 -1.41 22.37 14.43
C ALA A 240 -1.81 21.85 13.05
N SER A 241 -3.09 21.54 12.89
CA SER A 241 -3.60 21.19 11.56
C SER A 241 -3.59 22.45 10.69
N ILE A 242 -3.59 22.21 9.39
CA ILE A 242 -3.70 23.24 8.39
C ILE A 242 -4.79 22.87 7.33
N VAL A 243 -5.49 23.89 6.88
CA VAL A 243 -6.66 23.74 6.06
C VAL A 243 -6.14 23.61 4.66
N VAL A 244 -6.62 22.56 3.96
CA VAL A 244 -6.24 22.31 2.55
C VAL A 244 -7.48 22.30 1.67
N ASP A 245 -7.32 22.86 0.50
CA ASP A 245 -8.32 22.88 -0.56
C ASP A 245 -8.04 21.66 -1.42
N ILE A 246 -8.29 20.53 -0.87
CA ILE A 246 -7.66 19.31 -1.40
C ILE A 246 -8.05 18.90 -2.83
N ASP A 247 -9.26 19.23 -3.24
CA ASP A 247 -9.69 18.95 -4.60
C ASP A 247 -9.25 20.01 -5.58
N ASN A 248 -8.59 21.08 -5.14
CA ASN A 248 -8.15 22.15 -6.06
C ASN A 248 -6.72 22.48 -5.98
N ILE A 249 -5.85 21.53 -5.65
CA ILE A 249 -4.42 21.82 -5.52
C ILE A 249 -3.58 21.11 -6.51
N TYR A 250 -4.11 20.06 -7.16
CA TYR A 250 -3.24 19.30 -8.05
C TYR A 250 -4.03 18.76 -9.25
N GLN A 251 -3.39 18.71 -10.41
CA GLN A 251 -3.99 18.26 -11.66
C GLN A 251 -3.35 16.92 -12.06
N TRP A 252 -4.13 15.85 -12.02
CA TRP A 252 -3.62 14.51 -12.32
C TRP A 252 -3.51 14.22 -13.82
N HIS A 253 -2.67 13.24 -14.17
CA HIS A 253 -2.46 12.80 -15.56
C HIS A 253 -2.50 11.30 -15.67
N ASP A 254 -3.06 10.59 -14.68
CA ASP A 254 -2.94 9.11 -14.62
C ASP A 254 -4.18 8.33 -14.98
N GLU A 255 -5.04 8.91 -15.80
CA GLU A 255 -6.29 8.23 -16.23
C GLU A 255 -5.96 6.86 -16.83
N GLU A 256 -4.98 6.80 -17.70
CA GLU A 256 -4.73 5.55 -18.35
C GLU A 256 -4.20 4.44 -17.41
N TRP A 257 -3.29 4.81 -16.52
CA TRP A 257 -2.82 3.85 -15.48
C TRP A 257 -3.96 3.36 -14.63
N LEU A 258 -4.84 4.28 -14.24
CA LEU A 258 -5.97 3.84 -13.43
C LEU A 258 -6.93 2.89 -14.15
N GLU A 259 -7.13 3.13 -15.42
CA GLU A 259 -7.98 2.24 -16.24
C GLU A 259 -7.31 0.86 -16.39
N LYS A 260 -6.04 0.84 -16.72
CA LYS A 260 -5.35 -0.41 -16.85
C LYS A 260 -5.43 -1.17 -15.51
N ARG A 261 -5.33 -0.44 -14.42
CA ARG A 261 -5.34 -1.13 -13.15
C ARG A 261 -6.68 -1.77 -12.83
N ARG A 262 -7.73 -1.00 -13.03
CA ARG A 262 -9.03 -1.45 -12.68
C ARG A 262 -9.45 -2.70 -13.51
N ASN A 263 -8.93 -2.80 -14.73
CA ASN A 263 -9.28 -3.90 -15.62
C ASN A 263 -8.26 -4.97 -15.61
N SER A 264 -7.34 -5.00 -14.64
CA SER A 264 -6.38 -6.08 -14.62
C SER A 264 -6.50 -6.81 -13.32
N ASP A 265 -5.97 -8.02 -13.34
CA ASP A 265 -5.83 -8.84 -12.14
C ASP A 265 -4.36 -8.75 -11.73
N PRO A 266 -4.06 -7.96 -10.70
CA PRO A 266 -2.65 -7.83 -10.36
C PRO A 266 -2.00 -9.14 -9.89
N LEU A 267 -2.78 -10.09 -9.42
CA LEU A 267 -2.21 -11.36 -9.02
C LEU A 267 -1.60 -12.14 -10.17
N LYS A 268 -1.86 -11.80 -11.43
CA LYS A 268 -1.36 -12.54 -12.59
C LYS A 268 -0.35 -11.71 -13.31
N GLN A 269 0.19 -10.70 -12.63
CA GLN A 269 1.13 -9.82 -13.25
C GLN A 269 2.44 -9.89 -12.50
N PRO A 270 3.47 -9.34 -13.07
CA PRO A 270 4.64 -9.24 -12.24
C PRO A 270 4.51 -8.08 -11.20
N VAL A 271 5.00 -8.34 -9.99
CA VAL A 271 4.95 -7.45 -8.86
C VAL A 271 6.26 -7.65 -8.10
N SER A 272 7.23 -6.80 -8.39
CA SER A 272 8.48 -6.71 -7.67
C SER A 272 8.48 -5.33 -7.02
N VAL A 273 8.44 -5.37 -5.70
CA VAL A 273 8.31 -4.20 -4.86
C VAL A 273 9.64 -3.78 -4.29
N TYR A 274 9.92 -2.51 -4.48
CA TYR A 274 11.04 -1.82 -3.82
C TYR A 274 10.46 -1.09 -2.61
N GLU A 275 10.70 -1.62 -1.43
CA GLU A 275 10.22 -1.05 -0.14
C GLU A 275 11.11 0.10 0.28
N VAL A 276 10.54 1.20 0.73
CA VAL A 276 11.31 2.37 0.98
C VAL A 276 10.80 3.07 2.23
N HIS A 277 11.71 3.66 3.02
CA HIS A 277 11.35 4.59 4.08
C HIS A 277 11.75 5.98 3.60
N LEU A 278 10.77 6.85 3.35
CA LEU A 278 11.06 8.13 2.69
C LEU A 278 12.04 9.02 3.44
N GLY A 279 12.01 8.93 4.75
CA GLY A 279 12.84 9.79 5.55
C GLY A 279 14.30 9.44 5.61
N SER A 280 14.69 8.23 5.16
CA SER A 280 16.01 7.74 5.33
C SER A 280 16.61 7.13 4.08
N TRP A 281 16.02 7.37 2.92
CA TRP A 281 16.55 6.89 1.65
C TRP A 281 17.70 7.78 1.19
N LEU A 282 17.46 9.08 1.12
CA LEU A 282 18.49 10.03 0.77
C LEU A 282 18.20 11.35 1.42
N HIS A 283 19.22 11.99 1.94
CA HIS A 283 19.08 13.30 2.56
C HIS A 283 19.66 14.40 1.68
N GLY A 284 19.23 15.64 1.90
CA GLY A 284 19.91 16.79 1.29
C GLY A 284 20.58 17.67 2.35
N SER A 285 21.18 18.76 1.89
CA SER A 285 21.73 19.76 2.77
C SER A 285 20.69 20.64 3.46
N SER A 286 20.72 20.73 4.78
CA SER A 286 19.94 21.74 5.48
C SER A 286 20.41 23.20 5.29
N ALA A 287 21.41 23.48 4.48
CA ALA A 287 21.79 24.87 4.27
C ALA A 287 21.09 25.49 3.08
N GLU A 288 20.01 24.86 2.66
CA GLU A 288 19.24 25.35 1.57
C GLU A 288 17.80 24.97 1.82
N LYS A 289 16.93 25.64 1.08
CA LYS A 289 15.48 25.43 1.12
C LYS A 289 15.17 24.12 0.42
N MET A 290 14.11 23.51 0.90
CA MET A 290 13.49 22.33 0.28
C MET A 290 12.58 22.76 -0.85
N PRO A 291 12.94 22.46 -2.10
CA PRO A 291 12.04 22.67 -3.24
C PRO A 291 10.78 21.81 -3.21
N LEU A 292 9.71 22.45 -3.67
CA LEU A 292 8.43 21.85 -3.80
C LEU A 292 7.98 22.00 -5.21
N LEU A 293 6.78 21.53 -5.49
CA LEU A 293 6.21 21.69 -6.80
C LEU A 293 5.77 23.15 -6.91
N ASN A 294 6.36 23.87 -7.86
CA ASN A 294 6.18 25.35 -7.96
C ASN A 294 6.26 26.10 -6.66
N GLY A 295 7.26 25.84 -5.83
CA GLY A 295 7.44 26.60 -4.59
C GLY A 295 8.58 26.01 -3.79
N GLU A 296 8.64 26.34 -2.51
CA GLU A 296 9.75 25.88 -1.69
C GLU A 296 9.45 26.17 -0.24
N ALA A 297 9.98 25.36 0.66
CA ALA A 297 9.81 25.61 2.06
C ALA A 297 11.15 25.59 2.77
N ASP A 298 11.09 25.99 4.03
CA ASP A 298 12.15 25.82 4.96
C ASP A 298 12.45 24.34 5.07
N PRO A 299 13.75 23.99 5.11
CA PRO A 299 14.26 22.64 5.19
C PRO A 299 13.82 22.06 6.49
N VAL A 300 13.65 20.74 6.54
CA VAL A 300 13.35 20.04 7.77
C VAL A 300 14.59 19.21 8.12
N ILE A 301 15.18 19.51 9.25
CA ILE A 301 16.45 18.97 9.71
C ILE A 301 16.11 17.59 10.14
N VAL A 302 16.94 16.61 9.79
CA VAL A 302 16.54 15.21 10.10
C VAL A 302 16.59 14.95 11.59
N SER A 303 17.58 15.52 12.28
CA SER A 303 17.63 15.50 13.76
C SER A 303 18.54 16.56 14.34
N GLU A 304 18.43 16.75 15.64
CA GLU A 304 19.32 17.65 16.29
C GLU A 304 20.74 17.06 16.37
N TRP A 305 20.91 15.76 16.24
CA TRP A 305 22.26 15.23 16.23
C TRP A 305 22.92 15.13 14.86
N ASN A 306 22.21 15.52 13.81
CA ASN A 306 22.74 15.44 12.47
C ASN A 306 22.21 16.68 11.76
N PRO A 307 22.48 17.88 12.32
CA PRO A 307 21.74 19.06 11.90
C PRO A 307 22.11 19.60 10.58
N GLY A 308 23.16 19.07 9.98
CA GLY A 308 23.56 19.54 8.64
C GLY A 308 22.70 18.92 7.55
N ALA A 309 21.92 17.91 7.91
CA ALA A 309 21.10 17.18 6.96
C ALA A 309 19.60 17.50 7.00
N ARG A 310 18.98 17.53 5.82
CA ARG A 310 17.51 17.58 5.74
C ARG A 310 16.88 16.46 4.94
N PHE A 311 15.58 16.30 5.11
CA PHE A 311 14.81 15.38 4.28
C PHE A 311 14.67 15.99 2.91
N LEU A 312 14.52 15.11 1.90
CA LEU A 312 13.98 15.49 0.62
C LEU A 312 12.45 15.57 0.63
N SER A 313 11.94 16.44 -0.23
CA SER A 313 10.50 16.62 -0.40
C SER A 313 9.99 15.53 -1.32
N TYR A 314 8.69 15.29 -1.24
CA TYR A 314 7.95 14.45 -2.18
C TYR A 314 8.28 14.76 -3.62
N TYR A 315 8.40 16.06 -3.87
CA TYR A 315 8.77 16.61 -5.16
C TYR A 315 10.17 16.19 -5.57
N GLU A 316 11.13 16.37 -4.71
CA GLU A 316 12.51 15.95 -5.02
C GLU A 316 12.63 14.45 -5.17
N LEU A 317 11.82 13.71 -4.40
CA LEU A 317 11.77 12.22 -4.47
C LEU A 317 11.17 11.76 -5.79
N ALA A 318 10.10 12.43 -6.19
CA ALA A 318 9.55 12.15 -7.49
C ALA A 318 10.60 12.25 -8.57
N GLU A 319 11.53 13.19 -8.39
CA GLU A 319 12.58 13.47 -9.41
C GLU A 319 13.78 12.54 -9.27
N LYS A 320 14.03 12.04 -8.07
CA LYS A 320 15.20 11.16 -7.92
C LYS A 320 14.89 9.69 -7.68
N LEU A 321 14.01 9.42 -6.73
CA LEU A 321 13.62 8.03 -6.45
C LEU A 321 12.93 7.33 -7.64
N ILE A 322 12.04 8.02 -8.30
CA ILE A 322 11.24 7.36 -9.30
C ILE A 322 12.09 6.90 -10.50
N PRO A 323 12.93 7.77 -11.06
CA PRO A 323 13.69 7.23 -12.19
C PRO A 323 14.73 6.19 -11.76
N TYR A 324 15.21 6.30 -10.53
CA TYR A 324 16.10 5.29 -9.99
C TYR A 324 15.38 3.95 -9.97
N VAL A 325 14.12 3.95 -9.51
CA VAL A 325 13.37 2.69 -9.38
C VAL A 325 13.00 2.14 -10.74
N LYS A 326 12.61 3.04 -11.63
CA LYS A 326 12.29 2.76 -13.04
C LYS A 326 13.40 2.07 -13.71
N ASP A 327 14.58 2.62 -13.58
CA ASP A 327 15.81 2.00 -14.00
C ASP A 327 16.07 0.62 -13.45
N MET A 328 15.88 0.45 -12.14
CA MET A 328 16.12 -0.86 -11.55
C MET A 328 15.11 -1.87 -12.09
N GLY A 329 14.00 -1.38 -12.66
CA GLY A 329 12.95 -2.25 -13.17
C GLY A 329 11.97 -2.81 -12.18
N TYR A 330 11.84 -2.23 -10.99
CA TYR A 330 10.77 -2.70 -10.01
C TYR A 330 9.40 -2.20 -10.52
N THR A 331 8.32 -2.93 -10.21
CA THR A 331 6.97 -2.54 -10.69
C THR A 331 6.26 -1.66 -9.72
N HIS A 332 6.72 -1.70 -8.47
CA HIS A 332 6.05 -1.03 -7.39
C HIS A 332 7.03 -0.48 -6.36
N ILE A 333 6.64 0.63 -5.74
CA ILE A 333 7.32 1.12 -4.60
C ILE A 333 6.41 1.01 -3.42
N GLU A 334 6.88 0.48 -2.29
CA GLU A 334 6.06 0.41 -1.09
C GLU A 334 6.65 1.29 -0.04
N LEU A 335 5.84 2.13 0.59
CA LEU A 335 6.33 3.11 1.51
C LEU A 335 5.97 2.78 2.90
N LEU A 336 6.96 2.88 3.78
CA LEU A 336 6.66 2.84 5.18
C LEU A 336 5.78 4.06 5.50
N PRO A 337 5.07 4.02 6.62
CA PRO A 337 3.85 4.84 6.70
C PRO A 337 4.14 6.32 6.57
N ILE A 338 3.40 6.99 5.71
CA ILE A 338 3.57 8.38 5.47
C ILE A 338 2.52 9.21 6.07
N ALA A 339 1.53 8.59 6.70
CA ALA A 339 0.58 9.35 7.49
C ALA A 339 1.36 10.09 8.59
N GLU A 340 0.83 11.21 9.03
CA GLU A 340 1.56 12.11 9.88
C GLU A 340 1.83 11.42 11.19
N HIS A 341 3.10 11.45 11.62
CA HIS A 341 3.52 10.78 12.85
C HIS A 341 4.55 11.67 13.55
N PRO A 342 4.47 11.73 14.86
CA PRO A 342 5.26 12.71 15.63
C PRO A 342 6.76 12.37 15.76
N PHE A 343 7.13 11.10 15.71
CA PHE A 343 8.49 10.66 16.07
C PHE A 343 9.12 9.82 14.94
N ASP A 344 10.24 10.32 14.44
CA ASP A 344 10.96 9.69 13.36
C ASP A 344 11.28 8.26 13.67
N GLY A 345 11.60 8.01 14.92
CA GLY A 345 12.09 6.71 15.30
C GLY A 345 11.07 5.65 15.36
N SER A 346 9.78 6.02 15.20
CA SER A 346 8.69 5.00 15.13
C SER A 346 8.66 4.37 13.75
N TRP A 347 9.43 4.93 12.82
CA TRP A 347 9.47 4.53 11.42
C TRP A 347 8.19 4.87 10.65
N GLY A 348 7.27 5.51 11.38
CA GLY A 348 5.95 5.83 10.87
C GLY A 348 4.88 4.97 11.50
N TYR A 349 5.22 3.94 12.28
CA TYR A 349 4.21 3.01 12.75
C TYR A 349 3.44 3.47 13.97
N GLN A 350 3.69 4.70 14.42
CA GLN A 350 2.85 5.35 15.42
C GLN A 350 2.32 6.66 14.87
N VAL A 351 1.07 6.59 14.43
CA VAL A 351 0.46 7.66 13.68
C VAL A 351 -0.47 8.49 14.55
N THR A 352 -0.47 9.81 14.32
CA THR A 352 -1.45 10.73 14.92
C THR A 352 -2.29 11.62 13.96
N GLY A 353 -1.83 11.83 12.73
CA GLY A 353 -2.65 12.49 11.71
C GLY A 353 -2.97 11.47 10.61
N PHE A 354 -3.96 10.63 10.82
CA PHE A 354 -4.24 9.55 9.86
C PHE A 354 -4.69 10.05 8.49
N TYR A 355 -5.15 11.31 8.38
CA TYR A 355 -5.67 11.91 7.13
C TYR A 355 -4.66 12.87 6.46
N SER A 356 -3.39 12.84 6.82
CA SER A 356 -2.43 13.71 6.09
C SER A 356 -1.14 13.04 5.80
N PRO A 357 -0.59 13.27 4.63
CA PRO A 357 0.75 12.70 4.46
C PRO A 357 1.69 13.63 5.24
N THR A 358 2.82 13.09 5.71
CA THR A 358 3.63 13.81 6.66
C THR A 358 4.22 15.06 6.06
N SER A 359 4.18 16.13 6.87
CA SER A 359 4.72 17.40 6.43
C SER A 359 6.24 17.38 6.38
N ARG A 360 6.87 16.32 6.89
CA ARG A 360 8.32 16.25 6.74
C ARG A 360 8.79 16.44 5.31
N PHE A 361 7.99 16.04 4.31
CA PHE A 361 8.44 16.08 2.94
C PHE A 361 7.68 17.04 2.09
N GLY A 362 6.92 17.91 2.75
CA GLY A 362 6.22 18.94 2.04
C GLY A 362 4.72 18.80 2.10
N ARG A 363 4.06 19.17 1.00
CA ARG A 363 2.61 19.39 1.02
C ARG A 363 1.81 18.23 0.44
N PRO A 364 0.52 18.20 0.68
CA PRO A 364 -0.26 17.13 0.00
C PRO A 364 -0.13 17.08 -1.51
N GLU A 365 -0.06 18.23 -2.14
CA GLU A 365 0.03 18.27 -3.59
C GLU A 365 1.34 17.73 -4.04
N ASP A 366 2.31 17.77 -3.16
CA ASP A 366 3.66 17.29 -3.57
C ASP A 366 3.69 15.74 -3.62
N PHE A 367 2.95 15.12 -2.71
CA PHE A 367 2.81 13.71 -2.69
C PHE A 367 1.92 13.25 -3.84
N MET A 368 0.90 14.04 -4.15
CA MET A 368 0.05 13.79 -5.34
C MET A 368 0.92 13.71 -6.55
N TYR A 369 1.78 14.71 -6.67
CA TYR A 369 2.70 14.77 -7.77
C TYR A 369 3.57 13.52 -7.75
N PHE A 370 4.02 13.10 -6.57
CA PHE A 370 4.86 11.93 -6.51
C PHE A 370 4.10 10.72 -7.08
N VAL A 371 2.83 10.57 -6.70
CA VAL A 371 2.11 9.39 -7.09
C VAL A 371 1.82 9.47 -8.59
N ASP A 372 1.43 10.67 -9.03
CA ASP A 372 1.16 10.89 -10.48
C ASP A 372 2.41 10.56 -11.30
N LYS A 373 3.59 11.02 -10.87
CA LYS A 373 4.80 10.68 -11.58
C LYS A 373 5.08 9.23 -11.51
N CYS A 374 4.78 8.53 -10.41
CA CYS A 374 5.00 7.08 -10.46
C CYS A 374 4.13 6.53 -11.60
N HIS A 375 2.87 6.91 -11.62
CA HIS A 375 1.97 6.35 -12.60
C HIS A 375 2.36 6.63 -14.01
N GLU A 376 2.85 7.83 -14.24
CA GLU A 376 3.35 8.16 -15.58
C GLU A 376 4.49 7.23 -15.98
N ASN A 377 5.26 6.77 -15.01
CA ASN A 377 6.39 5.91 -15.34
C ASN A 377 6.07 4.44 -15.26
N GLY A 378 4.79 4.07 -15.11
CA GLY A 378 4.43 2.64 -15.02
C GLY A 378 4.68 1.90 -13.70
N ILE A 379 4.65 2.65 -12.61
CA ILE A 379 5.03 2.16 -11.31
C ILE A 379 3.92 2.37 -10.31
N GLY A 380 3.59 1.32 -9.56
CA GLY A 380 2.50 1.38 -8.55
C GLY A 380 3.04 1.86 -7.23
N VAL A 381 2.20 2.43 -6.40
CA VAL A 381 2.52 2.88 -5.07
C VAL A 381 1.70 2.13 -4.05
N ILE A 382 2.37 1.44 -3.13
CA ILE A 382 1.71 0.74 -2.03
C ILE A 382 2.03 1.43 -0.71
N LEU A 383 1.03 1.68 0.12
CA LEU A 383 1.29 2.35 1.39
C LEU A 383 1.10 1.45 2.54
N ASP A 384 2.11 1.37 3.42
CA ASP A 384 1.92 0.76 4.74
C ASP A 384 0.90 1.66 5.43
N TRP A 385 -0.12 1.03 6.01
CA TRP A 385 -1.30 1.65 6.66
C TRP A 385 -1.35 1.08 8.07
N VAL A 386 -1.73 1.88 9.06
CA VAL A 386 -1.60 1.45 10.44
C VAL A 386 -2.86 1.62 11.24
N PRO A 387 -3.84 0.75 11.05
CA PRO A 387 -5.11 0.80 11.74
C PRO A 387 -5.16 0.08 13.08
N GLY A 388 -4.09 -0.57 13.43
CA GLY A 388 -4.02 -1.33 14.64
C GLY A 388 -3.86 -0.55 15.95
N HIS A 389 -3.31 0.66 15.91
CA HIS A 389 -3.02 1.34 17.19
C HIS A 389 -2.68 2.78 17.04
N PHE A 390 -2.63 3.52 18.13
CA PHE A 390 -2.10 4.87 18.02
C PHE A 390 -1.47 5.27 19.31
N PRO A 391 -0.46 6.14 19.28
CA PRO A 391 0.28 6.46 20.50
C PRO A 391 -0.51 7.40 21.40
N LYS A 392 -0.03 7.56 22.62
CA LYS A 392 -0.63 8.41 23.64
C LYS A 392 -0.46 9.89 23.55
N ASP A 393 0.29 10.38 22.58
CA ASP A 393 0.51 11.81 22.49
C ASP A 393 -0.80 12.62 22.58
N SER A 394 -0.77 13.72 23.30
CA SER A 394 -2.03 14.30 23.78
C SER A 394 -2.63 15.26 22.74
N HIS A 395 -1.86 15.60 21.71
CA HIS A 395 -2.39 16.30 20.53
C HIS A 395 -3.32 15.43 19.62
N GLY A 396 -3.28 14.11 19.77
CA GLY A 396 -3.88 13.16 18.86
C GLY A 396 -5.19 12.60 19.40
N LEU A 397 -5.46 11.32 19.21
CA LEU A 397 -6.78 10.80 19.44
C LEU A 397 -7.08 10.37 20.87
N ALA A 398 -6.03 10.12 21.65
CA ALA A 398 -6.20 9.56 23.02
C ALA A 398 -7.18 10.38 23.87
N TYR A 399 -8.06 9.70 24.60
CA TYR A 399 -8.91 10.40 25.60
C TYR A 399 -9.42 11.68 24.95
N PHE A 400 -10.06 11.48 23.79
CA PHE A 400 -10.25 12.63 22.87
C PHE A 400 -11.18 13.69 23.42
N ASP A 401 -12.35 13.26 23.90
CA ASP A 401 -13.44 14.15 24.34
C ASP A 401 -13.51 14.17 25.89
N GLY A 402 -12.44 13.65 26.52
CA GLY A 402 -12.37 13.41 27.96
C GLY A 402 -12.93 12.08 28.32
N THR A 403 -13.07 11.21 27.34
CA THR A 403 -13.36 9.80 27.55
C THR A 403 -12.46 9.01 26.61
N HIS A 404 -12.62 7.70 26.68
CA HIS A 404 -12.00 6.75 25.78
C HIS A 404 -12.88 6.67 24.53
N LEU A 405 -12.75 7.70 23.71
CA LEU A 405 -13.53 7.83 22.48
C LEU A 405 -13.05 6.84 21.41
N TYR A 406 -11.83 7.06 20.88
CA TYR A 406 -11.22 6.17 19.90
C TYR A 406 -10.73 4.84 20.41
N GLU A 407 -10.10 4.82 21.57
CA GLU A 407 -9.64 3.56 22.21
C GLU A 407 -10.69 2.87 23.04
N HIS A 408 -10.57 1.56 23.15
CA HIS A 408 -11.36 0.85 24.11
C HIS A 408 -10.95 1.28 25.52
N ALA A 409 -11.96 1.40 26.38
CA ALA A 409 -11.78 1.91 27.74
C ALA A 409 -10.97 0.98 28.65
N ASP A 410 -11.18 -0.32 28.48
CA ASP A 410 -10.56 -1.33 29.27
C ASP A 410 -9.16 -1.68 28.69
N PRO A 411 -8.05 -1.38 29.43
CA PRO A 411 -6.68 -1.57 28.88
C PRO A 411 -6.32 -2.98 28.52
N ARG A 412 -7.08 -3.95 28.97
CA ARG A 412 -6.85 -5.33 28.56
C ARG A 412 -7.19 -5.60 27.12
N ILE A 413 -7.94 -4.70 26.48
CA ILE A 413 -8.15 -4.80 25.01
C ILE A 413 -7.83 -3.46 24.30
N GLY A 414 -7.64 -2.42 25.10
CA GLY A 414 -7.60 -1.03 24.63
C GLY A 414 -6.23 -0.45 24.69
N GLU A 415 -5.25 -1.26 25.10
CA GLU A 415 -3.88 -0.81 25.24
C GLU A 415 -2.93 -1.94 24.85
N HIS A 416 -1.80 -1.57 24.23
CA HIS A 416 -0.72 -2.55 23.96
C HIS A 416 0.39 -2.15 24.89
N LYS A 417 0.45 -2.86 26.01
CA LYS A 417 1.29 -2.36 27.13
C LYS A 417 2.77 -2.40 26.78
N GLU A 418 3.20 -3.42 26.02
CA GLU A 418 4.60 -3.50 25.63
C GLU A 418 4.97 -2.45 24.66
N TRP A 419 4.01 -1.92 23.89
CA TRP A 419 4.32 -0.81 22.98
C TRP A 419 3.98 0.50 23.61
N GLY A 420 3.08 0.56 24.60
CA GLY A 420 2.68 1.89 25.18
C GLY A 420 1.77 2.73 24.25
N THR A 421 0.96 2.00 23.50
CA THR A 421 0.02 2.58 22.55
C THR A 421 -1.38 2.10 22.89
N LEU A 422 -2.33 2.74 22.22
CA LEU A 422 -3.74 2.49 22.43
C LEU A 422 -4.31 1.77 21.24
N VAL A 423 -5.25 0.84 21.50
CA VAL A 423 -5.99 0.13 20.49
C VAL A 423 -7.39 0.69 20.28
N PHE A 424 -7.68 1.03 19.01
CA PHE A 424 -8.97 1.44 18.51
C PHE A 424 -10.05 0.47 18.96
N ASN A 425 -11.15 1.05 19.36
CA ASN A 425 -12.32 0.31 19.70
C ASN A 425 -13.10 -0.01 18.40
N TYR A 426 -12.72 -1.10 17.74
CA TYR A 426 -13.26 -1.48 16.45
C TYR A 426 -14.81 -1.66 16.45
N GLY A 427 -15.38 -1.95 17.61
CA GLY A 427 -16.83 -2.18 17.68
C GLY A 427 -17.60 -0.88 17.82
N ARG A 428 -16.91 0.21 18.05
CA ARG A 428 -17.55 1.49 18.12
C ARG A 428 -17.68 2.09 16.70
N HIS A 429 -18.90 2.43 16.33
CA HIS A 429 -19.26 2.78 14.99
C HIS A 429 -18.47 3.95 14.38
N GLU A 430 -18.38 5.04 15.10
CA GLU A 430 -17.76 6.23 14.58
C GLU A 430 -16.24 5.97 14.47
N VAL A 431 -15.74 4.91 15.11
CA VAL A 431 -14.32 4.61 15.13
C VAL A 431 -13.97 3.77 13.92
N ARG A 432 -14.72 2.69 13.76
CA ARG A 432 -14.71 1.86 12.56
C ARG A 432 -14.80 2.79 11.36
N ASN A 433 -15.71 3.74 11.42
CA ASN A 433 -15.94 4.59 10.32
C ASN A 433 -14.66 5.38 10.06
N PHE A 434 -14.02 5.88 11.10
CA PHE A 434 -12.86 6.78 10.93
C PHE A 434 -11.81 6.05 10.14
N LEU A 435 -11.67 4.79 10.49
CA LEU A 435 -10.68 3.92 9.86
C LEU A 435 -11.05 3.40 8.51
N VAL A 436 -12.30 2.97 8.32
CA VAL A 436 -12.75 2.42 7.05
C VAL A 436 -12.72 3.51 5.99
N ALA A 437 -13.23 4.69 6.33
CA ALA A 437 -13.09 5.83 5.43
C ALA A 437 -11.65 6.23 5.18
N ASN A 438 -10.77 6.04 6.17
CA ASN A 438 -9.37 6.45 6.02
C ASN A 438 -8.66 5.66 4.96
N VAL A 439 -8.83 4.35 4.99
CA VAL A 439 -8.21 3.57 3.96
C VAL A 439 -8.72 3.99 2.59
N LEU A 440 -10.03 4.22 2.47
CA LEU A 440 -10.58 4.59 1.17
C LEU A 440 -10.06 5.96 0.72
N PHE A 441 -9.87 6.85 1.69
CA PHE A 441 -9.37 8.22 1.44
C PHE A 441 -8.05 8.22 0.71
N TRP A 442 -7.16 7.27 1.01
CA TRP A 442 -5.83 7.26 0.34
C TRP A 442 -5.99 6.87 -1.13
N PHE A 443 -6.92 5.94 -1.43
CA PHE A 443 -7.13 5.51 -2.81
C PHE A 443 -7.85 6.63 -3.58
N ASP A 444 -8.77 7.32 -2.92
CA ASP A 444 -9.56 8.36 -3.52
C ASP A 444 -8.70 9.59 -3.73
N LYS A 445 -8.28 10.25 -2.65
CA LYS A 445 -7.48 11.51 -2.83
C LYS A 445 -6.08 11.38 -3.41
N TYR A 446 -5.40 10.25 -3.22
CA TYR A 446 -3.97 10.16 -3.56
C TYR A 446 -3.68 9.03 -4.52
N HIS A 447 -4.72 8.31 -4.95
CA HIS A 447 -4.69 7.41 -6.11
C HIS A 447 -3.77 6.25 -5.86
N VAL A 448 -3.55 5.86 -4.63
CA VAL A 448 -2.56 4.78 -4.44
C VAL A 448 -3.10 3.44 -4.94
N ASP A 449 -2.19 2.50 -5.11
CA ASP A 449 -2.48 1.23 -5.78
C ASP A 449 -2.54 0.02 -4.86
N GLY A 450 -2.21 0.23 -3.59
CA GLY A 450 -2.24 -0.86 -2.60
C GLY A 450 -1.97 -0.40 -1.16
N ILE A 451 -2.30 -1.25 -0.21
CA ILE A 451 -1.91 -0.99 1.18
C ILE A 451 -1.29 -2.24 1.69
N ARG A 452 -0.48 -2.09 2.73
CA ARG A 452 -0.02 -3.26 3.49
C ARG A 452 -0.26 -3.01 4.95
N VAL A 453 -0.57 -4.06 5.68
CA VAL A 453 -0.77 -3.91 7.15
C VAL A 453 0.22 -4.75 7.92
N ASP A 454 1.11 -4.07 8.65
CA ASP A 454 2.10 -4.70 9.56
C ASP A 454 1.40 -5.37 10.75
N ALA A 455 1.88 -6.50 11.19
CA ALA A 455 1.51 -6.95 12.54
C ALA A 455 -0.01 -7.10 12.78
N VAL A 456 -0.64 -7.73 11.80
CA VAL A 456 -2.06 -8.01 11.80
C VAL A 456 -2.49 -8.85 13.01
N ALA A 457 -1.65 -9.77 13.46
CA ALA A 457 -1.93 -10.55 14.68
C ALA A 457 -2.33 -9.67 15.88
N SER A 458 -1.82 -8.45 15.92
CA SER A 458 -2.00 -7.59 17.05
C SER A 458 -3.43 -7.08 17.11
N MET A 459 -4.11 -7.15 15.97
CA MET A 459 -5.54 -6.83 15.87
C MET A 459 -6.36 -8.09 16.08
N LEU A 460 -5.89 -9.23 15.56
CA LEU A 460 -6.70 -10.46 15.56
C LEU A 460 -6.93 -11.18 16.92
N TYR A 461 -6.09 -10.87 17.92
CA TYR A 461 -6.00 -11.66 19.17
C TYR A 461 -6.30 -10.80 20.38
N ARG A 462 -7.26 -11.26 21.19
CA ARG A 462 -7.61 -10.60 22.43
C ARG A 462 -6.46 -10.76 23.45
N ASN A 463 -5.70 -11.85 23.27
CA ASN A 463 -4.56 -12.23 24.12
C ASN A 463 -3.18 -11.81 23.64
N TYR A 464 -3.16 -10.85 22.71
CA TYR A 464 -1.91 -10.43 22.04
C TYR A 464 -0.93 -9.81 23.01
N LEU A 465 0.14 -10.56 23.29
CA LEU A 465 1.19 -10.07 24.16
C LEU A 465 0.63 -9.71 25.53
N ARG A 466 -0.31 -10.53 26.00
CA ARG A 466 -0.87 -10.38 27.35
C ARG A 466 -0.83 -11.75 27.99
N LYS A 467 -0.39 -11.87 29.25
CA LYS A 467 -0.39 -13.19 29.93
C LYS A 467 -1.66 -13.43 30.75
N GLU A 468 -1.82 -14.68 31.20
CA GLU A 468 -3.05 -15.16 31.89
C GLU A 468 -3.52 -14.17 32.91
N GLY A 469 -4.85 -14.07 32.99
CA GLY A 469 -5.50 -13.02 33.77
C GLY A 469 -5.32 -11.53 33.48
N GLU A 470 -4.60 -11.09 32.44
CA GLU A 470 -4.76 -9.67 31.99
C GLU A 470 -5.35 -9.51 30.60
N TRP A 471 -6.17 -10.50 30.22
CA TRP A 471 -7.04 -10.43 29.04
C TRP A 471 -8.32 -11.28 29.20
N ILE A 472 -9.45 -10.75 28.70
CA ILE A 472 -10.74 -11.49 28.75
C ILE A 472 -11.08 -12.02 27.41
N ALA A 473 -11.51 -13.28 27.39
CA ALA A 473 -11.94 -13.91 26.15
C ALA A 473 -13.19 -13.23 25.57
N ASN A 474 -13.51 -13.67 24.36
CA ASN A 474 -14.64 -13.11 23.68
C ASN A 474 -15.89 -13.80 24.22
N GLU A 475 -17.03 -13.16 24.02
CA GLU A 475 -18.35 -13.80 24.10
C GLU A 475 -18.39 -15.34 24.17
N TYR A 476 -17.78 -16.04 23.19
CA TYR A 476 -17.77 -17.50 23.14
C TYR A 476 -16.56 -18.16 23.82
N GLY A 477 -15.88 -17.45 24.71
CA GLY A 477 -14.64 -17.92 25.36
C GLY A 477 -13.50 -18.32 24.42
N GLY A 478 -13.33 -17.59 23.30
CA GLY A 478 -12.17 -17.78 22.38
C GLY A 478 -11.18 -16.63 22.50
N ASP A 479 -10.00 -16.81 21.92
CA ASP A 479 -9.00 -15.69 21.89
C ASP A 479 -9.28 -14.65 20.76
N GLU A 480 -10.25 -14.94 19.88
CA GLU A 480 -10.44 -14.14 18.67
C GLU A 480 -11.01 -12.76 18.96
N HIS A 481 -10.38 -11.72 18.39
CA HIS A 481 -10.86 -10.36 18.60
C HIS A 481 -11.95 -10.10 17.57
N ILE A 482 -13.21 -10.29 17.94
CA ILE A 482 -14.30 -10.47 16.97
C ILE A 482 -14.58 -9.17 16.18
N GLU A 483 -14.59 -8.05 16.88
CA GLU A 483 -14.76 -6.73 16.29
C GLU A 483 -13.61 -6.41 15.33
N ALA A 484 -12.43 -6.88 15.68
CA ALA A 484 -11.29 -6.65 14.81
C ALA A 484 -11.40 -7.44 13.54
N VAL A 485 -11.74 -8.71 13.64
CA VAL A 485 -11.87 -9.54 12.44
C VAL A 485 -12.93 -8.93 11.51
N SER A 486 -13.88 -8.30 12.11
CA SER A 486 -15.02 -7.96 11.33
C SER A 486 -14.69 -6.60 10.67
N PHE A 487 -13.98 -5.73 11.38
CA PHE A 487 -13.45 -4.50 10.77
C PHE A 487 -12.55 -4.77 9.56
N ILE A 488 -11.71 -5.80 9.67
CA ILE A 488 -10.74 -6.13 8.66
C ILE A 488 -11.47 -6.61 7.43
N ARG A 489 -12.45 -7.45 7.67
CA ARG A 489 -13.21 -8.02 6.56
C ARG A 489 -13.98 -6.95 5.81
N GLU A 490 -14.56 -6.04 6.55
CA GLU A 490 -15.29 -4.95 5.94
C GLU A 490 -14.37 -4.06 5.12
N VAL A 491 -13.18 -3.75 5.69
CA VAL A 491 -12.23 -2.87 5.06
C VAL A 491 -11.89 -3.51 3.73
N ASN A 492 -11.59 -4.80 3.71
CA ASN A 492 -11.14 -5.40 2.47
C ASN A 492 -12.26 -5.66 1.46
N THR A 493 -13.43 -6.02 1.95
CA THR A 493 -14.57 -6.09 1.07
C THR A 493 -14.80 -4.77 0.30
N LEU A 494 -14.88 -3.69 1.07
CA LEU A 494 -15.05 -2.37 0.52
C LEU A 494 -13.95 -1.95 -0.42
N LEU A 495 -12.70 -2.16 -0.05
CA LEU A 495 -11.63 -1.70 -0.94
C LEU A 495 -11.75 -2.27 -2.34
N PHE A 496 -11.92 -3.58 -2.43
CA PHE A 496 -11.96 -4.23 -3.72
C PHE A 496 -13.19 -3.91 -4.59
N GLU A 497 -14.28 -3.58 -3.93
CA GLU A 497 -15.49 -3.14 -4.58
C GLU A 497 -15.28 -1.71 -5.13
N TYR A 498 -14.76 -0.83 -4.30
CA TYR A 498 -14.51 0.57 -4.73
C TYR A 498 -13.36 0.78 -5.73
N PHE A 499 -12.26 0.06 -5.51
CA PHE A 499 -11.04 0.09 -6.36
C PHE A 499 -10.60 -1.31 -6.66
N PRO A 500 -11.31 -2.00 -7.58
CA PRO A 500 -10.86 -3.30 -7.98
C PRO A 500 -9.49 -3.12 -8.57
N GLY A 501 -8.76 -4.21 -8.54
CA GLY A 501 -7.43 -4.15 -9.09
C GLY A 501 -6.25 -3.73 -8.18
N ILE A 502 -6.54 -3.40 -6.91
CA ILE A 502 -5.51 -3.01 -5.97
C ILE A 502 -4.88 -4.19 -5.25
N LEU A 503 -3.82 -3.91 -4.50
CA LEU A 503 -3.17 -4.92 -3.65
C LEU A 503 -3.51 -4.62 -2.19
N SER A 504 -3.97 -5.62 -1.47
CA SER A 504 -4.20 -5.47 -0.01
C SER A 504 -3.38 -6.59 0.63
N ILE A 505 -2.21 -6.22 1.15
CA ILE A 505 -1.17 -7.10 1.62
C ILE A 505 -1.15 -7.12 3.13
N ALA A 506 -1.03 -8.31 3.68
CA ALA A 506 -0.93 -8.49 5.13
C ALA A 506 0.36 -9.22 5.53
N GLU A 507 0.85 -8.86 6.70
CA GLU A 507 1.85 -9.66 7.41
C GLU A 507 1.13 -10.10 8.64
N GLU A 508 0.93 -11.39 8.73
CA GLU A 508 0.27 -11.96 9.88
C GLU A 508 1.14 -13.12 10.27
N SER A 509 1.64 -13.09 11.49
CA SER A 509 2.70 -14.00 11.88
C SER A 509 2.27 -15.12 12.86
N THR A 510 1.03 -15.60 12.80
CA THR A 510 0.63 -16.72 13.65
C THR A 510 -0.10 -17.88 13.02
N GLU A 511 -0.02 -18.13 11.73
CA GLU A 511 -0.73 -19.32 11.21
C GLU A 511 -2.26 -19.13 11.11
N TRP A 512 -2.79 -17.98 11.50
CA TRP A 512 -4.18 -17.67 11.23
C TRP A 512 -4.55 -18.06 9.84
N GLU A 513 -5.67 -18.74 9.67
CA GLU A 513 -5.94 -19.35 8.38
C GLU A 513 -6.67 -18.38 7.44
N LYS A 514 -6.44 -18.56 6.13
CA LYS A 514 -7.23 -17.90 5.09
C LYS A 514 -7.12 -16.34 5.10
N VAL A 515 -5.90 -15.85 5.34
CA VAL A 515 -5.64 -14.45 5.38
C VAL A 515 -5.87 -13.81 4.02
N SER A 516 -5.31 -14.42 2.97
CA SER A 516 -5.42 -13.87 1.63
C SER A 516 -6.49 -14.54 0.80
N ARG A 517 -7.58 -14.92 1.44
CA ARG A 517 -8.74 -15.48 0.75
C ARG A 517 -9.86 -14.52 0.98
N PRO A 518 -10.88 -14.53 0.09
CA PRO A 518 -11.99 -13.55 0.17
C PRO A 518 -12.84 -13.80 1.37
N VAL A 519 -13.45 -12.74 1.85
CA VAL A 519 -14.37 -12.78 2.93
C VAL A 519 -15.48 -13.84 2.71
N ALA A 520 -16.01 -13.91 1.49
CA ALA A 520 -16.98 -14.95 1.09
C ALA A 520 -16.50 -16.33 1.54
N ALA A 521 -15.24 -16.66 1.27
CA ALA A 521 -14.75 -17.99 1.63
C ALA A 521 -14.29 -18.10 3.07
N GLY A 522 -14.74 -17.22 3.94
CA GLY A 522 -14.24 -17.23 5.33
C GLY A 522 -12.78 -16.74 5.44
N GLY A 523 -12.34 -15.91 4.50
CA GLY A 523 -11.05 -15.29 4.62
C GLY A 523 -11.12 -13.93 5.29
N LEU A 524 -9.95 -13.30 5.45
CA LEU A 524 -9.86 -11.89 5.91
C LEU A 524 -9.85 -10.92 4.75
N GLY A 525 -9.73 -11.47 3.55
CA GLY A 525 -9.98 -10.71 2.36
C GLY A 525 -8.80 -9.94 1.79
N PHE A 526 -7.58 -10.11 2.32
CA PHE A 526 -6.40 -9.52 1.71
C PHE A 526 -6.22 -10.37 0.46
N ASN A 527 -5.45 -9.90 -0.51
CA ASN A 527 -5.12 -10.71 -1.69
C ASN A 527 -3.68 -11.19 -1.76
N LEU A 528 -2.87 -10.74 -0.80
CA LEU A 528 -1.50 -11.23 -0.68
C LEU A 528 -1.11 -11.23 0.76
N LYS A 529 -0.13 -12.08 1.09
CA LYS A 529 0.29 -12.26 2.44
C LYS A 529 1.76 -12.48 2.41
N TRP A 530 2.50 -11.74 3.24
CA TRP A 530 3.93 -11.96 3.33
C TRP A 530 4.18 -13.40 3.80
N ASP A 531 5.08 -14.08 3.14
CA ASP A 531 5.45 -15.40 3.62
C ASP A 531 6.58 -15.32 4.65
N MET A 532 6.26 -15.16 5.91
CA MET A 532 7.31 -14.96 6.91
C MET A 532 8.10 -16.24 7.19
N GLY A 533 7.47 -17.41 7.06
CA GLY A 533 8.17 -18.70 7.17
C GLY A 533 9.24 -18.84 6.12
N TRP A 534 8.92 -18.51 4.89
CA TRP A 534 9.88 -18.57 3.80
C TRP A 534 11.05 -17.61 4.07
N MET A 535 10.75 -16.42 4.55
CA MET A 535 11.81 -15.47 4.88
C MET A 535 12.70 -16.06 5.98
N HIS A 536 12.13 -16.63 7.01
CA HIS A 536 13.01 -17.21 8.08
C HIS A 536 13.84 -18.39 7.60
N ASP A 537 13.22 -19.24 6.79
CA ASP A 537 13.89 -20.41 6.26
C ASP A 537 15.02 -19.99 5.36
N MET A 538 14.81 -19.03 4.46
CA MET A 538 15.87 -18.61 3.57
C MET A 538 17.01 -17.88 4.33
N LEU A 539 16.70 -16.96 5.23
CA LEU A 539 17.81 -16.24 5.88
C LEU A 539 18.56 -17.16 6.83
N ASP A 540 17.86 -18.08 7.52
CA ASP A 540 18.50 -19.10 8.36
C ASP A 540 19.41 -19.96 7.47
N TYR A 541 18.88 -20.40 6.33
CA TYR A 541 19.61 -21.23 5.42
C TYR A 541 20.82 -20.52 4.87
N PHE A 542 20.68 -19.32 4.35
CA PHE A 542 21.86 -18.70 3.77
C PHE A 542 22.94 -18.30 4.77
N ASN A 543 22.52 -18.20 6.01
CA ASN A 543 23.45 -17.85 7.06
C ASN A 543 24.38 -18.99 7.47
N ILE A 544 24.04 -20.23 7.13
CA ILE A 544 24.84 -21.41 7.51
C ILE A 544 26.01 -21.58 6.57
N ASP A 545 27.20 -22.03 7.05
CA ASP A 545 28.34 -22.29 6.15
C ASP A 545 27.87 -23.29 5.08
N PRO A 546 28.35 -23.09 3.84
CA PRO A 546 27.77 -23.87 2.75
C PRO A 546 27.80 -25.36 3.02
N TYR A 547 28.92 -25.80 3.57
CA TYR A 547 29.11 -27.20 3.84
C TYR A 547 28.00 -27.80 4.65
N PHE A 548 27.48 -27.07 5.62
CA PHE A 548 26.39 -27.60 6.45
C PHE A 548 24.98 -27.45 5.92
N ARG A 549 24.85 -26.79 4.79
CA ARG A 549 23.53 -26.62 4.16
C ARG A 549 22.95 -27.95 3.78
N GLN A 550 23.81 -28.94 3.55
CA GLN A 550 23.31 -30.31 3.34
C GLN A 550 22.43 -30.82 4.42
N TYR A 551 22.67 -30.34 5.66
CA TYR A 551 21.87 -30.73 6.83
C TYR A 551 20.51 -30.02 6.94
N HIS A 552 20.26 -29.16 5.98
CA HIS A 552 19.14 -28.25 6.03
C HIS A 552 18.56 -27.96 4.60
N GLN A 553 18.60 -28.95 3.71
CA GLN A 553 17.85 -28.87 2.46
C GLN A 553 16.36 -28.59 2.69
N ASN A 554 15.81 -28.99 3.83
CA ASN A 554 14.39 -28.73 4.07
C ASN A 554 14.03 -27.19 4.23
N ASN A 555 14.97 -26.35 4.66
CA ASN A 555 14.78 -24.91 4.59
C ASN A 555 14.42 -24.43 3.17
N VAL A 556 15.10 -25.01 2.19
CA VAL A 556 14.89 -24.68 0.79
C VAL A 556 13.52 -25.09 0.29
N THR A 557 13.00 -26.24 0.77
CA THR A 557 11.84 -26.86 0.10
C THR A 557 10.53 -26.82 0.85
N PHE A 558 10.62 -26.59 2.14
CA PHE A 558 9.45 -26.63 2.99
C PHE A 558 8.33 -25.65 2.67
N SER A 559 8.71 -24.41 2.33
CA SER A 559 7.73 -23.36 1.98
C SER A 559 6.73 -23.88 0.92
N MET A 560 7.15 -24.78 0.02
CA MET A 560 6.20 -25.28 -0.97
C MET A 560 5.16 -26.21 -0.44
N LEU A 561 5.32 -26.73 0.77
CA LEU A 561 4.25 -27.54 1.36
C LEU A 561 2.93 -26.87 1.64
N TYR A 562 2.99 -25.66 2.19
CA TYR A 562 1.81 -24.91 2.61
C TYR A 562 1.58 -23.76 1.59
N TYR A 563 2.43 -23.68 0.58
CA TYR A 563 2.43 -22.54 -0.30
C TYR A 563 1.06 -22.18 -0.87
N TYR A 564 0.27 -23.21 -1.22
CA TYR A 564 -0.99 -22.93 -1.89
C TYR A 564 -2.13 -22.58 -0.97
N ASN A 565 -1.91 -22.56 0.34
CA ASN A 565 -3.00 -22.10 1.21
C ASN A 565 -3.24 -20.59 1.29
N GLU A 566 -2.37 -19.83 0.66
CA GLU A 566 -2.45 -18.39 0.70
C GLU A 566 -1.86 -17.96 -0.64
N ASN A 567 -2.14 -16.74 -1.04
CA ASN A 567 -1.35 -16.09 -2.09
C ASN A 567 -0.11 -15.36 -1.54
N PHE A 568 1.05 -15.90 -1.77
CA PHE A 568 2.19 -15.38 -1.00
C PHE A 568 2.95 -14.34 -1.70
N MET A 569 3.37 -13.37 -0.86
CA MET A 569 4.36 -12.34 -1.25
C MET A 569 5.64 -12.72 -0.52
N LEU A 570 6.69 -12.94 -1.31
CA LEU A 570 8.06 -13.24 -0.78
C LEU A 570 8.72 -11.92 -0.39
N ALA A 571 8.65 -11.53 0.87
CA ALA A 571 9.21 -10.28 1.29
C ALA A 571 10.46 -10.44 2.15
N LEU A 572 11.49 -9.71 1.77
CA LEU A 572 12.72 -9.56 2.58
C LEU A 572 12.82 -8.09 2.93
N SER A 573 12.29 -7.76 4.11
CA SER A 573 11.93 -6.38 4.45
C SER A 573 12.87 -5.62 5.35
N HIS A 574 12.54 -4.36 5.56
CA HIS A 574 13.27 -3.50 6.49
C HIS A 574 13.45 -4.13 7.85
N ASP A 575 12.45 -4.87 8.32
CA ASP A 575 12.55 -5.57 9.65
C ASP A 575 13.73 -6.51 9.76
N GLU A 576 14.25 -7.03 8.64
CA GLU A 576 15.30 -8.04 8.70
C GLU A 576 16.72 -7.51 8.56
N ILE A 577 16.89 -6.20 8.52
CA ILE A 577 18.21 -5.63 8.48
C ILE A 577 18.44 -4.46 9.45
N VAL A 578 17.84 -4.62 10.63
CA VAL A 578 18.06 -3.73 11.79
C VAL A 578 18.36 -4.57 13.04
N HIS A 579 18.75 -3.87 14.12
CA HIS A 579 18.72 -4.42 15.49
C HIS A 579 19.56 -5.67 15.51
N GLY A 580 20.78 -5.51 14.99
CA GLY A 580 21.76 -6.58 15.04
C GLY A 580 21.53 -7.82 14.21
N LYS A 581 20.61 -7.78 13.23
CA LYS A 581 20.45 -8.94 12.31
C LYS A 581 21.41 -8.82 11.10
N SER A 582 22.07 -7.69 10.97
CA SER A 582 22.89 -7.34 9.75
C SER A 582 22.15 -7.03 8.43
N ASN A 583 22.82 -6.25 7.57
CA ASN A 583 22.35 -6.15 6.22
C ASN A 583 22.64 -7.45 5.49
N MET A 584 22.19 -7.59 4.25
CA MET A 584 22.15 -8.89 3.60
C MET A 584 23.53 -9.46 3.35
N LEU A 585 24.49 -8.63 2.97
CA LEU A 585 25.85 -9.13 2.76
C LEU A 585 26.43 -9.70 4.02
N GLY A 586 26.19 -9.01 5.12
CA GLY A 586 26.76 -9.42 6.40
C GLY A 586 26.14 -10.64 7.00
N LYS A 587 24.97 -11.06 6.50
CA LYS A 587 24.37 -12.30 6.96
C LYS A 587 25.08 -13.54 6.40
N MET A 588 25.89 -13.33 5.35
CA MET A 588 26.39 -14.44 4.56
C MET A 588 27.80 -14.85 5.01
N PRO A 589 28.06 -16.16 5.07
CA PRO A 589 29.40 -16.62 5.40
C PRO A 589 30.38 -16.55 4.21
N GLY A 590 31.66 -16.54 4.55
CA GLY A 590 32.71 -16.69 3.59
C GLY A 590 33.40 -15.41 3.34
N ASP A 591 34.22 -15.39 2.31
CA ASP A 591 34.94 -14.15 1.97
C ASP A 591 34.02 -13.15 1.19
N GLU A 592 34.57 -11.99 0.81
CA GLU A 592 33.81 -10.97 0.06
C GLU A 592 33.19 -11.57 -1.16
N TRP A 593 33.97 -12.24 -1.99
CA TRP A 593 33.41 -12.91 -3.18
C TRP A 593 32.21 -13.79 -2.83
N GLN A 594 32.30 -14.62 -1.81
CA GLN A 594 31.21 -15.64 -1.57
C GLN A 594 29.99 -14.99 -0.97
N LYS A 595 30.23 -13.88 -0.28
CA LYS A 595 29.15 -13.13 0.29
C LYS A 595 28.32 -12.52 -0.82
N TYR A 596 28.93 -11.87 -1.83
CA TYR A 596 28.12 -11.37 -2.90
C TYR A 596 27.46 -12.54 -3.66
N ALA A 597 28.14 -13.67 -3.75
CA ALA A 597 27.58 -14.80 -4.48
C ALA A 597 26.33 -15.34 -3.86
N ASN A 598 26.37 -15.48 -2.55
CA ASN A 598 25.20 -15.88 -1.78
C ASN A 598 24.00 -14.93 -1.90
N VAL A 599 24.27 -13.63 -1.92
CA VAL A 599 23.20 -12.66 -2.15
C VAL A 599 22.60 -12.90 -3.54
N ARG A 600 23.45 -13.11 -4.53
CA ARG A 600 22.97 -13.29 -5.91
C ARG A 600 22.11 -14.55 -6.02
N ALA A 601 22.52 -15.60 -5.31
CA ALA A 601 21.82 -16.86 -5.42
C ALA A 601 20.57 -16.82 -4.67
N LEU A 602 20.60 -16.21 -3.50
CA LEU A 602 19.36 -16.08 -2.73
C LEU A 602 18.31 -15.29 -3.52
N PHE A 603 18.69 -14.12 -4.01
CA PHE A 603 17.71 -13.33 -4.74
C PHE A 603 17.29 -13.92 -6.08
N THR A 604 18.22 -14.54 -6.79
CA THR A 604 17.79 -15.27 -7.99
C THR A 604 16.75 -16.38 -7.64
N TYR A 605 16.97 -17.08 -6.54
CA TYR A 605 16.07 -18.10 -6.12
C TYR A 605 14.78 -17.44 -5.73
N MET A 606 14.86 -16.28 -5.08
CA MET A 606 13.62 -15.60 -4.66
C MET A 606 12.74 -15.24 -5.88
N TYR A 607 13.36 -14.70 -6.91
CA TYR A 607 12.66 -14.21 -8.04
C TYR A 607 12.11 -15.34 -8.90
N THR A 608 12.69 -16.55 -8.75
CA THR A 608 12.18 -17.71 -9.52
C THR A 608 11.17 -18.53 -8.73
N HIS A 609 11.22 -18.43 -7.42
CA HIS A 609 10.32 -19.19 -6.60
C HIS A 609 8.96 -18.59 -6.78
N PRO A 610 7.89 -19.38 -6.72
CA PRO A 610 6.55 -18.81 -6.76
C PRO A 610 6.31 -17.78 -5.69
N GLY A 611 5.73 -16.67 -6.19
CA GLY A 611 5.06 -15.63 -5.40
C GLY A 611 5.58 -14.26 -5.88
N LYS A 612 4.96 -13.20 -5.34
CA LYS A 612 5.38 -11.87 -5.71
C LYS A 612 6.60 -11.51 -4.88
N LYS A 613 7.27 -10.43 -5.25
CA LYS A 613 8.54 -10.04 -4.63
C LYS A 613 8.52 -8.69 -3.92
N THR A 614 9.12 -8.65 -2.73
CA THR A 614 9.37 -7.41 -2.07
C THR A 614 10.79 -7.47 -1.48
N MET A 615 11.56 -6.39 -1.68
CA MET A 615 12.89 -6.23 -1.06
C MET A 615 13.13 -4.74 -0.71
N PHE A 616 13.97 -4.50 0.29
CA PHE A 616 14.07 -3.20 0.93
C PHE A 616 15.26 -2.45 0.41
N MET A 617 15.13 -1.13 0.36
CA MET A 617 16.20 -0.25 0.03
C MET A 617 17.51 -0.57 0.79
N SER A 618 18.60 -0.48 0.02
CA SER A 618 20.01 -0.77 0.36
C SER A 618 20.36 -2.20 -0.03
N MET A 619 19.41 -3.12 -0.07
CA MET A 619 19.74 -4.48 -0.46
C MET A 619 20.22 -4.65 -1.91
N GLU A 620 19.81 -3.74 -2.77
CA GLU A 620 20.04 -3.90 -4.19
C GLU A 620 21.45 -3.46 -4.58
N PHE A 621 22.14 -2.71 -3.73
CA PHE A 621 23.54 -2.38 -4.01
C PHE A 621 24.53 -2.87 -3.01
N GLY A 622 24.08 -3.69 -2.07
CA GLY A 622 24.98 -4.35 -1.14
C GLY A 622 25.46 -3.47 -0.03
N GLN A 623 24.58 -2.71 0.59
CA GLN A 623 25.01 -1.97 1.75
C GLN A 623 25.56 -2.87 2.86
N TRP A 624 26.71 -2.52 3.41
CA TRP A 624 27.28 -3.27 4.57
C TRP A 624 26.52 -2.99 5.86
N SER A 625 26.31 -1.72 6.18
CA SER A 625 25.73 -1.37 7.46
C SER A 625 24.23 -1.66 7.51
N GLU A 626 23.74 -1.93 8.70
CA GLU A 626 22.31 -2.07 8.93
C GLU A 626 21.60 -0.77 8.54
N TRP A 627 20.31 -0.89 8.23
CA TRP A 627 19.45 0.27 7.96
C TRP A 627 19.36 1.14 9.18
N ASN A 628 19.66 2.41 9.01
CA ASN A 628 19.64 3.35 10.10
C ASN A 628 18.71 4.45 9.72
N VAL A 629 17.58 4.48 10.41
CA VAL A 629 16.52 5.40 10.11
C VAL A 629 16.83 6.85 10.42
N TRP A 630 17.87 7.11 11.20
CA TRP A 630 18.35 8.50 11.44
C TRP A 630 19.30 9.07 10.39
N GLY A 631 19.89 8.21 9.56
CA GLY A 631 20.76 8.72 8.48
C GLY A 631 20.13 8.40 7.16
N ASP A 632 20.89 8.55 6.09
CA ASP A 632 20.46 8.03 4.81
C ASP A 632 21.31 6.86 4.38
N LEU A 633 21.01 6.31 3.22
CA LEU A 633 21.73 5.16 2.83
C LEU A 633 23.19 5.50 2.38
N GLU A 634 24.01 4.46 2.24
CA GLU A 634 25.44 4.60 2.08
C GLU A 634 25.69 4.68 0.60
N TRP A 635 25.18 5.74 -0.05
CA TRP A 635 25.25 5.81 -1.52
C TRP A 635 26.68 5.82 -2.08
N HIS A 636 27.64 6.35 -1.31
CA HIS A 636 29.03 6.35 -1.73
C HIS A 636 29.56 4.96 -2.11
N LEU A 637 28.98 3.86 -1.59
CA LEU A 637 29.40 2.49 -2.01
C LEU A 637 29.18 2.24 -3.50
N LEU A 638 28.22 2.96 -4.11
CA LEU A 638 28.08 2.86 -5.53
C LEU A 638 29.22 3.46 -6.35
N GLN A 639 30.25 4.02 -5.72
CA GLN A 639 31.46 4.43 -6.44
C GLN A 639 32.32 3.18 -6.79
N TYR A 640 32.01 2.01 -6.22
CA TYR A 640 32.91 0.88 -6.28
C TYR A 640 32.29 -0.25 -7.09
N GLU A 641 33.15 -0.96 -7.78
CA GLU A 641 32.71 -1.99 -8.73
C GLU A 641 31.77 -3.07 -8.17
N PRO A 642 32.10 -3.72 -7.04
CA PRO A 642 31.19 -4.84 -6.63
C PRO A 642 29.75 -4.40 -6.33
N HIS A 643 29.60 -3.19 -5.80
CA HIS A 643 28.29 -2.66 -5.49
C HIS A 643 27.53 -2.34 -6.76
N GLN A 644 28.23 -1.73 -7.70
CA GLN A 644 27.72 -1.49 -9.07
C GLN A 644 27.29 -2.76 -9.75
N GLN A 645 28.10 -3.80 -9.62
CA GLN A 645 27.78 -5.06 -10.28
C GLN A 645 26.54 -5.68 -9.67
N LEU A 646 26.39 -5.54 -8.36
CA LEU A 646 25.25 -6.17 -7.74
C LEU A 646 23.97 -5.44 -8.19
N LYS A 647 24.11 -4.13 -8.33
CA LYS A 647 22.99 -3.34 -8.75
C LYS A 647 22.59 -3.67 -10.18
N GLN A 648 23.58 -3.96 -11.02
CA GLN A 648 23.27 -4.35 -12.40
C GLN A 648 22.54 -5.69 -12.43
N PHE A 649 23.02 -6.61 -11.57
CA PHE A 649 22.40 -7.90 -11.34
C PHE A 649 20.91 -7.74 -11.06
N PHE A 650 20.58 -6.86 -10.13
CA PHE A 650 19.16 -6.70 -9.80
C PHE A 650 18.40 -6.05 -10.92
N THR A 651 19.05 -5.12 -11.60
CA THR A 651 18.48 -4.47 -12.75
C THR A 651 18.08 -5.50 -13.84
N ASP A 652 19.00 -6.43 -14.13
CA ASP A 652 18.71 -7.49 -15.15
C ASP A 652 17.67 -8.45 -14.62
N LEU A 653 17.75 -8.81 -13.35
CA LEU A 653 16.79 -9.74 -12.80
C LEU A 653 15.37 -9.21 -12.90
N ASN A 654 15.17 -7.93 -12.54
CA ASN A 654 13.85 -7.33 -12.59
C ASN A 654 13.39 -7.30 -14.04
N ALA A 655 14.32 -7.05 -14.95
CA ALA A 655 14.02 -6.96 -16.41
C ALA A 655 13.55 -8.35 -16.94
N LEU A 656 14.28 -9.36 -16.56
CA LEU A 656 13.87 -10.73 -16.85
C LEU A 656 12.51 -11.05 -16.29
N TYR A 657 12.28 -10.65 -15.06
CA TYR A 657 11.05 -11.04 -14.34
C TYR A 657 9.85 -10.55 -15.08
N GLN A 658 9.95 -9.34 -15.58
CA GLN A 658 8.86 -8.73 -16.33
C GLN A 658 8.64 -9.31 -17.72
N GLN A 659 9.72 -9.83 -18.25
CA GLN A 659 9.78 -10.27 -19.59
C GLN A 659 9.31 -11.74 -19.74
N GLU A 660 9.34 -12.54 -18.67
CA GLU A 660 9.08 -14.00 -18.74
C GLU A 660 7.81 -14.40 -18.05
N PRO A 661 6.72 -14.67 -18.79
CA PRO A 661 5.40 -14.93 -18.21
C PRO A 661 5.35 -16.01 -17.16
N ALA A 662 6.25 -17.00 -17.25
CA ALA A 662 6.19 -18.15 -16.33
C ALA A 662 6.57 -17.76 -14.92
N LEU A 663 7.32 -16.66 -14.84
CA LEU A 663 7.70 -16.07 -13.57
C LEU A 663 6.62 -15.23 -12.91
N TYR A 664 5.47 -15.05 -13.53
CA TYR A 664 4.39 -14.29 -12.86
C TYR A 664 2.93 -14.68 -13.17
N THR A 665 2.64 -15.45 -14.23
CA THR A 665 1.19 -15.64 -14.59
C THR A 665 0.53 -16.69 -13.73
N HIS A 666 1.33 -17.59 -13.17
CA HIS A 666 0.76 -18.73 -12.48
C HIS A 666 1.34 -18.99 -11.11
N ASP A 667 1.73 -17.90 -10.46
CA ASP A 667 2.30 -17.92 -9.14
C ASP A 667 1.42 -18.72 -8.26
N PHE A 668 0.11 -18.58 -8.46
CA PHE A 668 -0.82 -19.14 -7.48
C PHE A 668 -1.65 -20.36 -7.97
N GLU A 669 -1.23 -21.00 -9.06
CA GLU A 669 -1.84 -22.24 -9.55
C GLU A 669 -0.83 -23.40 -9.47
N TYR A 670 -1.31 -24.66 -9.40
CA TYR A 670 -0.36 -25.83 -9.38
C TYR A 670 0.43 -25.86 -10.66
N HIS A 671 -0.24 -25.58 -11.77
CA HIS A 671 0.43 -25.56 -13.11
C HIS A 671 1.71 -24.76 -13.15
N GLY A 672 1.76 -23.71 -12.31
CA GLY A 672 2.83 -22.71 -12.39
C GLY A 672 4.20 -23.22 -11.95
N PHE A 673 4.23 -24.31 -11.17
CA PHE A 673 5.46 -24.85 -10.59
C PHE A 673 5.47 -26.38 -10.43
N GLU A 674 6.64 -26.95 -10.65
CA GLU A 674 6.92 -28.32 -10.29
C GLU A 674 8.43 -28.57 -10.11
N TRP A 675 8.75 -29.28 -9.04
CA TRP A 675 10.13 -29.59 -8.79
C TRP A 675 10.57 -30.53 -9.86
N ILE A 676 11.81 -30.43 -10.25
CA ILE A 676 12.39 -31.42 -11.13
C ILE A 676 13.02 -32.43 -10.16
N ASP A 677 13.97 -31.95 -9.35
CA ASP A 677 14.54 -32.72 -8.29
C ASP A 677 15.07 -31.81 -7.19
N CYS A 678 14.83 -32.26 -5.97
CA CYS A 678 15.34 -31.63 -4.80
C CYS A 678 16.03 -32.62 -3.81
N ASN A 679 16.49 -33.78 -4.29
CA ASN A 679 17.11 -34.79 -3.38
C ASN A 679 18.60 -34.69 -3.24
N ASP A 680 19.30 -34.01 -4.15
CA ASP A 680 20.72 -33.84 -3.97
C ASP A 680 21.03 -32.80 -2.83
N ASN A 681 20.74 -33.16 -1.59
CA ASN A 681 21.05 -32.29 -0.44
C ASN A 681 22.51 -32.24 -0.12
N THR A 682 23.22 -33.26 -0.54
CA THR A 682 24.69 -33.33 -0.38
C THR A 682 25.46 -32.23 -1.13
N HIS A 683 24.97 -31.85 -2.30
CA HIS A 683 25.55 -30.72 -3.03
C HIS A 683 24.70 -29.42 -2.95
N SER A 684 23.60 -29.50 -2.20
CA SER A 684 22.79 -28.35 -1.92
C SER A 684 22.38 -27.77 -3.28
N VAL A 685 21.90 -28.68 -4.12
CA VAL A 685 21.31 -28.39 -5.39
C VAL A 685 19.83 -28.73 -5.40
N VAL A 686 19.05 -27.87 -6.08
CA VAL A 686 17.62 -28.07 -6.38
C VAL A 686 17.34 -27.44 -7.76
N SER A 687 16.25 -27.87 -8.33
CA SER A 687 15.89 -27.47 -9.69
C SER A 687 14.40 -27.66 -9.82
N PHE A 688 13.81 -26.90 -10.73
CA PHE A 688 12.34 -26.89 -10.91
C PHE A 688 11.95 -26.18 -12.20
N LEU A 689 10.67 -26.26 -12.49
CA LEU A 689 10.09 -25.70 -13.67
C LEU A 689 9.14 -24.60 -13.28
N ARG A 690 9.10 -23.55 -14.08
CA ARG A 690 7.97 -22.64 -14.04
C ARG A 690 7.27 -22.64 -15.40
N ARG A 691 5.96 -22.50 -15.34
CA ARG A 691 5.10 -22.55 -16.51
C ARG A 691 4.10 -21.40 -16.57
N SER A 692 3.69 -21.05 -17.79
CA SER A 692 2.66 -20.05 -18.05
C SER A 692 1.55 -20.66 -18.96
N ASP A 693 0.81 -19.79 -19.65
CA ASP A 693 -0.29 -20.20 -20.53
C ASP A 693 0.28 -20.97 -21.71
N ASP A 694 1.25 -20.36 -22.37
CA ASP A 694 1.96 -20.95 -23.50
C ASP A 694 3.08 -21.93 -23.05
N PRO A 695 3.01 -23.21 -23.42
CA PRO A 695 4.08 -24.11 -22.94
C PRO A 695 5.48 -23.77 -23.48
N ASN A 696 5.62 -23.01 -24.55
CA ASN A 696 6.96 -22.62 -24.95
C ASN A 696 7.60 -21.53 -24.02
N ASP A 697 6.79 -21.06 -23.06
CA ASP A 697 7.24 -20.07 -22.09
C ASP A 697 7.75 -20.74 -20.83
N SER A 698 7.76 -22.07 -20.81
CA SER A 698 8.14 -22.76 -19.62
C SER A 698 9.61 -22.58 -19.42
N LEU A 699 10.01 -22.54 -18.15
CA LEU A 699 11.43 -22.30 -17.79
C LEU A 699 11.88 -23.41 -16.90
N VAL A 700 13.20 -23.64 -16.96
CA VAL A 700 13.90 -24.54 -16.10
C VAL A 700 14.94 -23.75 -15.29
N VAL A 701 14.84 -23.91 -13.98
CA VAL A 701 15.68 -23.23 -13.00
C VAL A 701 16.45 -24.25 -12.20
N VAL A 702 17.75 -24.02 -12.08
CA VAL A 702 18.67 -24.88 -11.38
C VAL A 702 19.51 -24.10 -10.40
N CYS A 703 19.54 -24.53 -9.14
CA CYS A 703 20.25 -23.77 -8.09
C CYS A 703 21.37 -24.57 -7.51
N ASN A 704 22.52 -23.94 -7.37
CA ASN A 704 23.63 -24.51 -6.71
C ASN A 704 24.09 -23.67 -5.48
N PHE A 705 23.69 -24.10 -4.28
CA PHE A 705 23.89 -23.31 -3.11
C PHE A 705 25.14 -23.61 -2.33
N THR A 706 26.21 -24.11 -2.98
CA THR A 706 27.58 -24.06 -2.37
C THR A 706 28.58 -23.51 -3.36
N PRO A 707 29.80 -23.21 -2.91
CA PRO A 707 30.77 -22.67 -3.81
C PRO A 707 31.52 -23.69 -4.63
N GLN A 708 31.04 -24.94 -4.59
CA GLN A 708 31.65 -26.10 -5.30
C GLN A 708 30.97 -26.12 -6.67
N PRO A 709 31.67 -25.74 -7.73
CA PRO A 709 31.07 -25.93 -9.07
C PRO A 709 30.90 -27.40 -9.40
N HIS A 710 30.04 -27.73 -10.35
CA HIS A 710 29.89 -29.11 -10.80
C HIS A 710 29.93 -29.18 -12.34
N SER A 711 30.41 -30.29 -12.86
CA SER A 711 30.88 -30.26 -14.20
C SER A 711 30.04 -30.96 -15.22
N HIS A 712 29.36 -32.03 -14.83
CA HIS A 712 28.55 -32.71 -15.85
C HIS A 712 27.38 -33.19 -15.08
N TYR A 713 26.65 -32.19 -14.60
CA TYR A 713 25.57 -32.37 -13.66
C TYR A 713 24.31 -32.43 -14.47
N ARG A 714 23.55 -33.48 -14.21
CA ARG A 714 22.49 -33.90 -15.09
C ARG A 714 21.16 -33.54 -14.45
N ILE A 715 20.31 -32.89 -15.26
CA ILE A 715 19.00 -32.40 -14.82
C ILE A 715 17.98 -32.83 -15.84
N GLY A 716 17.01 -33.63 -15.41
CA GLY A 716 15.83 -33.90 -16.20
C GLY A 716 15.01 -32.70 -16.69
N VAL A 717 14.86 -32.59 -18.01
CA VAL A 717 13.90 -31.68 -18.64
C VAL A 717 12.83 -32.50 -19.39
N PRO A 718 11.71 -31.88 -19.76
CA PRO A 718 10.61 -32.71 -20.24
C PRO A 718 10.37 -32.73 -21.77
N GLU A 719 11.17 -31.97 -22.54
CA GLU A 719 11.15 -31.98 -24.02
C GLU A 719 12.52 -31.75 -24.61
N ALA A 720 12.68 -32.17 -25.86
CA ALA A 720 13.96 -32.14 -26.54
C ALA A 720 14.22 -30.76 -27.06
N GLY A 721 15.47 -30.41 -27.28
CA GLY A 721 15.84 -29.20 -27.98
C GLY A 721 16.96 -28.42 -27.30
N TYR A 722 17.23 -27.21 -27.81
CA TYR A 722 18.23 -26.35 -27.24
C TYR A 722 17.60 -25.47 -26.18
N TYR A 723 18.10 -25.57 -24.96
CA TYR A 723 17.66 -24.75 -23.87
C TYR A 723 18.69 -23.62 -23.77
N VAL A 724 18.24 -22.39 -24.05
CA VAL A 724 19.07 -21.17 -23.91
C VAL A 724 19.22 -20.86 -22.43
N GLU A 725 20.41 -20.40 -22.09
CA GLU A 725 20.65 -19.77 -20.81
C GLU A 725 20.14 -18.34 -20.86
N LEU A 726 18.97 -18.13 -20.29
CA LEU A 726 18.45 -16.77 -20.13
C LEU A 726 19.21 -15.95 -19.12
N PHE A 727 19.67 -16.62 -18.07
CA PHE A 727 20.21 -15.94 -16.92
C PHE A 727 21.15 -16.87 -16.16
N ASN A 728 22.31 -16.30 -15.80
CA ASN A 728 23.27 -16.97 -15.02
C ASN A 728 23.90 -16.03 -13.99
N SER A 729 23.58 -16.31 -12.73
CA SER A 729 23.98 -15.41 -11.66
C SER A 729 25.47 -15.36 -11.42
N ASP A 730 26.25 -16.27 -12.06
CA ASP A 730 27.75 -16.22 -11.94
C ASP A 730 28.43 -15.39 -13.06
N ALA A 731 27.64 -14.75 -13.92
CA ALA A 731 28.25 -13.92 -14.96
C ALA A 731 29.18 -12.89 -14.40
N LYS A 732 30.34 -12.73 -15.02
CA LYS A 732 31.30 -11.77 -14.53
C LYS A 732 30.73 -10.36 -14.44
N GLN A 733 29.77 -9.98 -15.26
CA GLN A 733 29.18 -8.63 -15.19
C GLN A 733 28.45 -8.37 -13.84
N TYR A 734 28.03 -9.43 -13.18
CA TYR A 734 27.44 -9.38 -11.87
C TYR A 734 28.41 -9.59 -10.68
N GLY A 735 29.71 -9.74 -10.93
CA GLY A 735 30.67 -10.08 -9.86
C GLY A 735 31.03 -11.58 -9.76
N GLY A 736 30.44 -12.42 -10.58
CA GLY A 736 30.73 -13.86 -10.58
C GLY A 736 32.00 -14.29 -11.32
N SER A 737 32.36 -15.55 -11.14
CA SER A 737 33.57 -16.17 -11.75
C SER A 737 33.50 -16.48 -13.22
N ASN A 738 32.30 -16.41 -13.77
CA ASN A 738 31.98 -16.57 -15.17
C ASN A 738 31.87 -18.00 -15.67
N MET A 739 31.76 -18.94 -14.76
CA MET A 739 31.39 -20.27 -15.18
C MET A 739 29.96 -20.28 -15.64
N GLY A 740 29.69 -21.17 -16.57
CA GLY A 740 28.43 -21.21 -17.26
C GLY A 740 28.37 -22.28 -18.36
N ASN A 741 27.26 -22.31 -19.09
CA ASN A 741 27.05 -23.23 -20.21
C ASN A 741 27.19 -22.55 -21.58
N LEU A 742 27.79 -21.37 -21.58
CA LEU A 742 28.22 -20.74 -22.79
C LEU A 742 27.10 -20.28 -23.67
N GLY A 743 25.91 -20.09 -23.10
CA GLY A 743 24.77 -19.54 -23.83
C GLY A 743 23.62 -20.51 -23.85
N GLY A 744 23.93 -21.78 -23.56
CA GLY A 744 22.87 -22.82 -23.53
C GLY A 744 23.36 -24.20 -23.90
N LYS A 745 22.43 -25.14 -23.96
CA LYS A 745 22.81 -26.51 -24.05
C LYS A 745 21.72 -27.35 -24.67
N TRP A 746 22.09 -28.25 -25.59
CA TRP A 746 21.13 -29.22 -26.17
C TRP A 746 20.78 -30.32 -25.20
N ALA A 747 19.50 -30.62 -25.08
CA ALA A 747 19.07 -31.75 -24.31
C ALA A 747 19.65 -33.06 -24.89
N ASP A 748 19.68 -34.11 -24.10
CA ASP A 748 20.12 -35.42 -24.51
C ASP A 748 18.88 -36.28 -24.42
N GLU A 749 18.68 -37.24 -25.32
CA GLU A 749 17.65 -38.23 -25.04
C GLU A 749 18.24 -39.23 -24.04
N TRP A 750 18.22 -38.85 -22.77
CA TRP A 750 18.82 -39.65 -21.69
C TRP A 750 17.85 -39.35 -20.57
N SER A 751 17.08 -40.35 -20.18
CA SER A 751 16.02 -40.12 -19.22
C SER A 751 16.64 -39.73 -17.85
N PHE A 752 15.97 -38.88 -17.08
CA PHE A 752 16.46 -38.48 -15.73
C PHE A 752 15.35 -37.80 -14.90
N HIS A 753 15.40 -37.98 -13.58
CA HIS A 753 14.37 -37.50 -12.64
C HIS A 753 13.00 -37.68 -13.19
N ASN A 754 12.74 -38.84 -13.76
CA ASN A 754 11.45 -39.16 -14.39
C ASN A 754 11.09 -38.32 -15.58
N LYS A 755 12.04 -38.07 -16.45
CA LYS A 755 11.72 -37.29 -17.59
C LYS A 755 12.41 -37.84 -18.77
N PRO A 756 11.69 -37.91 -19.89
CA PRO A 756 12.27 -38.35 -21.13
C PRO A 756 13.64 -37.82 -21.43
N TYR A 757 13.84 -36.50 -21.33
CA TYR A 757 15.14 -35.89 -21.74
C TYR A 757 15.95 -35.37 -20.56
N SER A 758 17.12 -34.79 -20.81
CA SER A 758 17.99 -34.30 -19.74
C SER A 758 19.12 -33.39 -20.25
N LEU A 759 19.63 -32.53 -19.37
CA LEU A 759 20.70 -31.63 -19.72
C LEU A 759 21.92 -31.92 -18.90
N ASP A 760 23.08 -31.76 -19.51
CA ASP A 760 24.32 -32.10 -18.88
C ASP A 760 25.01 -30.75 -18.70
N LEU A 761 24.87 -30.24 -17.48
CA LEU A 761 25.20 -28.85 -17.22
C LEU A 761 26.47 -28.68 -16.44
N CYS A 762 27.08 -27.51 -16.67
CA CYS A 762 27.96 -26.86 -15.73
C CYS A 762 27.07 -26.11 -14.72
N LEU A 763 27.26 -26.35 -13.42
CA LEU A 763 26.61 -25.56 -12.35
C LEU A 763 27.64 -24.58 -11.83
N PRO A 764 27.46 -23.27 -12.07
CA PRO A 764 28.51 -22.42 -11.53
C PRO A 764 28.43 -22.39 -9.98
N PRO A 765 29.54 -22.00 -9.32
CA PRO A 765 29.57 -21.83 -7.87
C PRO A 765 28.54 -20.77 -7.34
N LEU A 766 27.77 -21.17 -6.32
CA LEU A 766 26.89 -20.27 -5.53
C LEU A 766 26.02 -19.45 -6.46
N ALA A 767 25.25 -20.19 -7.24
CA ALA A 767 24.68 -19.56 -8.39
C ALA A 767 23.47 -20.28 -8.94
N VAL A 768 22.68 -19.52 -9.70
CA VAL A 768 21.41 -19.98 -10.21
C VAL A 768 21.34 -19.68 -11.69
N LEU A 769 20.80 -20.67 -12.41
CA LEU A 769 20.61 -20.63 -13.86
C LEU A 769 19.15 -20.69 -14.20
N ILE A 770 18.79 -19.93 -15.21
CA ILE A 770 17.46 -19.98 -15.75
C ILE A 770 17.63 -20.24 -17.23
N LEU A 771 16.99 -21.34 -17.64
CA LEU A 771 16.98 -21.81 -19.01
C LEU A 771 15.56 -21.91 -19.60
N LYS A 772 15.48 -21.72 -20.91
CA LYS A 772 14.23 -21.83 -21.64
C LYS A 772 14.54 -22.56 -22.96
N LEU A 773 13.65 -23.45 -23.32
CA LEU A 773 13.67 -24.08 -24.64
C LEU A 773 13.36 -23.10 -25.81
N ASP A 774 14.27 -23.00 -26.79
CA ASP A 774 14.11 -22.20 -28.03
C ASP A 774 13.71 -23.21 -29.10
N PRO A 775 12.41 -23.48 -29.26
CA PRO A 775 12.01 -24.67 -30.03
C PRO A 775 12.19 -24.46 -31.55
N THR A 776 12.94 -23.44 -31.92
CA THR A 776 13.15 -23.10 -33.29
C THR A 776 14.60 -22.67 -33.38
N LYS A 777 15.46 -23.64 -33.19
CA LYS A 777 16.87 -23.40 -33.19
C LYS A 777 17.39 -24.60 -33.95
N VAL A 778 18.56 -24.44 -34.60
CA VAL A 778 18.98 -25.21 -35.81
C VAL A 778 19.64 -26.66 -35.65
N PRO A 779 18.80 -27.76 -35.64
CA PRO A 779 19.35 -29.13 -35.43
C PRO A 779 19.65 -29.84 -36.75
C1 GLC B . -22.92 -0.63 20.53
C2 GLC B . -22.07 0.10 19.49
C3 GLC B . -21.73 1.57 19.82
C4 GLC B . -22.99 2.39 20.10
C5 GLC B . -23.78 1.61 21.19
C6 GLC B . -25.17 2.24 21.42
O1 GLC B . -22.21 -1.08 21.66
O2 GLC B . -20.88 -0.62 19.31
O3 GLC B . -21.00 2.24 18.78
O4 GLC B . -22.49 3.66 20.52
O5 GLC B . -23.98 0.21 20.93
O6 GLC B . -25.91 2.23 20.21
C1 GLC B . -23.04 4.90 20.12
C2 GLC B . -21.90 5.93 20.02
C3 GLC B . -21.52 6.77 21.28
C4 GLC B . -22.75 7.38 21.97
C5 GLC B . -23.63 6.14 22.24
C6 GLC B . -24.93 6.57 22.93
O2 GLC B . -20.77 5.25 19.56
O3 GLC B . -20.66 7.85 20.96
O4 GLC B . -22.52 8.39 23.01
O5 GLC B . -23.98 5.34 21.08
O6 GLC B . -25.91 7.04 22.01
C1 GLC C . -1.46 26.99 21.79
C2 GLC C . -1.44 25.79 20.77
C3 GLC C . -0.23 25.77 19.82
C4 GLC C . -0.09 27.20 19.25
C5 GLC C . 0.10 28.24 20.35
C6 GLC C . 0.26 29.62 19.73
O1 GLC C . -0.79 26.72 23.02
O2 GLC C . -1.69 24.52 21.37
O3 GLC C . -0.37 24.80 18.80
O4 GLC C . 1.04 27.35 18.45
O5 GLC C . -0.98 28.22 21.25
O6 GLC C . 0.29 30.56 20.77
C1 GLC C . 0.82 27.64 17.05
C2 GLC C . 1.62 26.63 16.23
C3 GLC C . 3.10 27.03 16.27
C4 GLC C . 3.28 28.48 15.80
C5 GLC C . 2.44 29.37 16.75
C6 GLC C . 2.43 30.88 16.49
O2 GLC C . 1.41 25.35 16.80
O3 GLC C . 3.90 26.11 15.60
O4 GLC C . 4.64 28.87 15.96
O5 GLC C . 1.10 28.99 16.71
O6 GLC C . 2.45 31.19 15.12
C1 GLC C . 5.33 29.33 14.77
C2 GLC C . 6.74 28.74 14.83
C3 GLC C . 7.65 29.44 15.87
C4 GLC C . 7.54 30.96 15.82
C5 GLC C . 6.08 31.42 15.74
C6 GLC C . 5.96 32.95 15.60
O2 GLC C . 6.62 27.38 15.17
O3 GLC C . 9.00 29.06 15.71
O4 GLC C . 8.12 31.43 17.01
O5 GLC C . 5.40 30.76 14.67
O6 GLC C . 6.51 33.33 14.36
C1 GLC D . 18.54 -42.82 -5.31
C2 GLC D . 17.69 -41.53 -5.14
C3 GLC D . 18.25 -40.39 -6.02
C4 GLC D . 19.69 -40.14 -5.64
C5 GLC D . 20.43 -41.49 -5.89
C6 GLC D . 21.95 -41.43 -5.78
O1 GLC D . 18.41 -43.37 -6.62
O2 GLC D . 16.34 -41.76 -5.48
O3 GLC D . 17.51 -39.18 -6.02
O4 GLC D . 20.13 -39.13 -6.54
O5 GLC D . 19.92 -42.53 -5.05
O6 GLC D . 22.28 -40.60 -4.70
C1 GLC D . 20.20 -37.77 -6.07
C2 GLC D . 19.80 -36.79 -7.17
C3 GLC D . 20.83 -36.78 -8.32
C4 GLC D . 22.24 -36.48 -7.79
C5 GLC D . 22.53 -37.46 -6.67
C6 GLC D . 23.92 -37.11 -6.09
O2 GLC D . 18.54 -37.09 -7.72
O3 GLC D . 20.47 -35.85 -9.31
O4 GLC D . 23.22 -36.65 -8.78
O5 GLC D . 21.51 -37.48 -5.66
O6 GLC D . 24.11 -37.83 -4.89
C1 GLC D . 23.70 -35.41 -9.26
C2 GLC D . 23.49 -35.24 -10.78
C3 GLC D . 24.28 -36.28 -11.55
C4 GLC D . 25.74 -36.31 -11.03
C5 GLC D . 25.81 -36.37 -9.51
C6 GLC D . 27.26 -36.28 -9.00
O2 GLC D . 22.12 -35.28 -11.17
O3 GLC D . 24.19 -35.91 -12.93
O4 GLC D . 26.51 -37.37 -11.59
O5 GLC D . 25.08 -35.30 -8.98
O6 GLC D . 27.32 -36.61 -7.62
C1 GLC D . 27.15 -36.94 -12.82
C2 GLC D . 27.11 -38.08 -13.83
C3 GLC D . 27.72 -39.28 -13.11
C4 GLC D . 29.18 -38.90 -12.94
C5 GLC D . 29.31 -37.61 -12.10
C6 GLC D . 30.72 -37.03 -12.08
O2 GLC D . 25.80 -38.39 -14.25
O3 GLC D . 27.52 -40.47 -13.85
O4 GLC D . 29.82 -40.02 -12.38
O5 GLC D . 28.49 -36.56 -12.60
O6 GLC D . 31.35 -37.61 -10.98
C1 GLC E . 33.75 -25.45 -17.90
C2 GLC E . 33.18 -26.77 -17.40
C3 GLC E . 32.86 -27.82 -18.54
C4 GLC E . 32.01 -27.20 -19.68
C5 GLC E . 32.28 -25.65 -19.80
C6 GLC E . 31.08 -24.95 -20.46
O2 GLC E . 34.17 -27.13 -16.48
O3 GLC E . 32.16 -28.98 -18.09
O4 GLC E . 32.21 -27.76 -21.01
O5 GLC E . 32.66 -24.94 -18.61
O6 GLC E . 29.89 -25.49 -19.95
C1 GLC E . 31.33 -28.78 -21.58
C2 GLC E . 32.15 -29.52 -22.65
C3 GLC E . 32.57 -28.47 -23.70
C4 GLC E . 31.34 -28.03 -24.47
C5 GLC E . 30.27 -27.56 -23.45
C6 GLC E . 28.92 -27.36 -24.17
O2 GLC E . 33.25 -30.20 -22.09
O3 GLC E . 33.55 -28.86 -24.63
O4 GLC E . 31.77 -26.95 -25.29
O5 GLC E . 30.15 -28.37 -22.25
O6 GLC E . 28.22 -26.22 -23.67
C1 GLC E . 31.79 -27.09 -26.73
C2 GLC E . 33.06 -26.42 -27.24
C3 GLC E . 33.04 -24.91 -27.01
C4 GLC E . 31.90 -24.29 -27.79
C5 GLC E . 30.66 -25.03 -27.25
C6 GLC E . 29.37 -24.54 -27.88
O2 GLC E . 34.14 -26.86 -26.46
O3 GLC E . 34.29 -24.33 -27.30
O4 GLC E . 31.88 -22.89 -27.41
O5 GLC E . 30.69 -26.46 -27.38
O6 GLC E . 29.77 -23.54 -28.76
C1 GLC E . 32.34 -21.81 -28.29
C2 GLC E . 33.56 -21.06 -27.74
C3 GLC E . 33.21 -20.13 -26.57
C4 GLC E . 32.03 -19.21 -26.83
C5 GLC E . 30.90 -20.11 -27.34
C6 GLC E . 29.57 -19.43 -27.66
O2 GLC E . 34.46 -21.98 -27.22
O3 GLC E . 34.34 -19.36 -26.26
O4 GLC E . 31.74 -18.63 -25.56
O5 GLC E . 31.36 -20.79 -28.50
O6 GLC E . 29.74 -18.23 -28.38
C1 GLC E . 31.54 -17.17 -25.48
C2 GLC E . 32.31 -16.67 -24.29
C3 GLC E . 31.72 -17.21 -22.97
C4 GLC E . 30.23 -16.94 -22.83
C5 GLC E . 29.61 -17.36 -24.16
C6 GLC E . 28.13 -17.10 -24.25
O2 GLC E . 33.56 -17.30 -24.41
O3 GLC E . 32.41 -16.76 -21.83
O4 GLC E . 29.72 -17.77 -21.78
O5 GLC E . 30.21 -16.77 -25.30
O6 GLC E . 27.91 -15.74 -24.24
C1 GLC E . 29.81 -17.30 -20.39
C2 GLC E . 28.87 -18.14 -19.55
C3 GLC E . 27.42 -17.77 -19.85
C4 GLC E . 27.11 -16.28 -19.79
C5 GLC E . 28.20 -15.45 -20.48
C6 GLC E . 28.09 -13.95 -20.11
O2 GLC E . 29.05 -19.52 -19.84
O3 GLC E . 26.55 -18.54 -19.04
O4 GLC E . 25.89 -16.00 -20.45
O5 GLC E . 29.54 -15.91 -20.18
O6 GLC E . 28.80 -13.65 -18.92
C1 GLC E . 24.70 -16.19 -19.67
C2 GLC E . 23.59 -16.01 -20.69
C3 GLC E . 23.54 -14.55 -21.19
C4 GLC E . 23.25 -13.67 -19.99
C5 GLC E . 24.24 -13.92 -18.85
C6 GLC E . 23.75 -13.22 -17.59
O2 GLC E . 23.80 -16.92 -21.75
O3 GLC E . 22.39 -14.53 -21.98
O4 GLC E . 23.23 -12.29 -20.33
O5 GLC E . 24.45 -15.31 -18.58
O6 GLC E . 22.63 -13.86 -17.02
C1 GLC F . 42.17 -15.77 -3.37
C2 GLC F . 41.19 -14.63 -3.10
C3 GLC F . 39.78 -15.20 -2.98
C4 GLC F . 39.45 -16.04 -4.21
C5 GLC F . 40.64 -16.68 -4.96
C6 GLC F . 40.44 -16.58 -6.49
O1 GLC F . 41.99 -16.95 -2.59
O2 GLC F . 41.51 -13.81 -1.98
O3 GLC F . 38.86 -14.14 -2.96
O4 GLC F . 38.53 -17.03 -3.78
O5 GLC F . 41.90 -16.08 -4.70
O6 GLC F . 40.44 -17.84 -7.14
C1 GLC F . 37.20 -16.51 -3.86
C2 GLC F . 36.19 -17.50 -3.33
C3 GLC F . 36.08 -18.73 -4.16
C4 GLC F . 35.74 -18.35 -5.57
C5 GLC F . 36.71 -17.30 -6.07
C6 GLC F . 36.23 -16.74 -7.40
O2 GLC F . 36.40 -17.80 -1.98
O3 GLC F . 35.01 -19.49 -3.70
O4 GLC F . 35.90 -19.49 -6.34
O5 GLC F . 36.80 -16.21 -5.16
O6 GLC F . 37.14 -15.85 -8.01
C1 GLC F . 34.74 -19.95 -7.10
C2 GLC F . 34.64 -21.43 -6.84
C3 GLC F . 35.84 -22.17 -7.44
C4 GLC F . 36.02 -21.83 -8.91
C5 GLC F . 36.01 -20.29 -9.09
C6 GLC F . 36.30 -19.78 -10.51
O2 GLC F . 34.54 -21.54 -5.44
O3 GLC F . 35.65 -23.56 -7.33
O4 GLC F . 37.24 -22.41 -9.40
O5 GLC F . 34.84 -19.73 -8.51
O6 GLC F . 35.26 -20.08 -11.43
C1 GLC F . 37.20 -23.22 -10.63
C2 GLC F . 37.57 -24.67 -10.29
C3 GLC F . 39.00 -24.74 -9.75
C4 GLC F . 40.01 -24.19 -10.76
C5 GLC F . 39.50 -22.80 -11.19
C6 GLC F . 40.41 -22.27 -12.29
O2 GLC F . 36.67 -25.16 -9.32
O3 GLC F . 39.34 -26.06 -9.48
O4 GLC F . 41.34 -24.13 -10.24
O5 GLC F . 38.12 -22.80 -11.63
O6 GLC F . 39.67 -21.32 -13.02
C1 GLC G . 8.57 -31.92 7.29
C2 GLC G . 9.91 -31.62 6.59
C3 GLC G . 9.81 -31.43 5.05
C4 GLC G . 9.34 -32.72 4.34
C5 GLC G . 8.17 -33.17 5.24
C6 GLC G . 7.71 -34.57 4.91
O2 GLC G . 10.44 -30.47 7.18
O3 GLC G . 11.00 -30.92 4.46
O4 GLC G . 8.90 -32.50 2.97
O5 GLC G . 8.29 -33.14 6.68
O6 GLC G . 6.80 -34.83 5.94
C1 GLC G . 9.87 -32.32 1.89
C2 GLC G . 9.82 -30.93 1.26
C3 GLC G . 8.52 -30.63 0.47
C4 GLC G . 8.28 -31.68 -0.59
C5 GLC G . 8.73 -33.10 -0.17
C6 GLC G . 9.11 -33.90 -1.42
O2 GLC G . 10.12 -29.94 2.23
O3 GLC G . 8.54 -29.38 -0.23
O4 GLC G . 6.88 -31.64 -0.92
O5 GLC G . 9.80 -33.24 0.81
O6 GLC G . 9.61 -33.10 -2.50
C1 GLC G . 6.55 -31.54 -2.34
C2 GLC G . 6.13 -30.10 -2.68
C3 GLC G . 4.65 -29.75 -2.28
C4 GLC G . 3.64 -30.87 -2.60
C5 GLC G . 4.22 -32.17 -2.05
C6 GLC G . 3.21 -33.32 -2.10
O2 GLC G . 7.11 -29.17 -2.17
O3 GLC G . 4.20 -28.54 -2.88
O4 GLC G . 2.29 -30.61 -2.18
O5 GLC G . 5.47 -32.40 -2.75
O6 GLC G . 2.73 -33.45 -3.41
C1 GOL H . 30.98 -9.37 -6.36
O1 GOL H . 30.06 -8.30 -6.80
C2 GOL H . 32.51 -9.15 -6.46
O2 GOL H . 33.24 -9.90 -7.48
C3 GOL H . 33.07 -9.57 -5.12
O3 GOL H . 34.43 -9.24 -5.11
C1 GOL I . 16.50 -14.62 10.37
O1 GOL I . 15.31 -15.44 10.35
C2 GOL I . 16.25 -13.12 10.70
O2 GOL I . 14.86 -12.84 10.56
C3 GOL I . 16.97 -12.13 9.77
O3 GOL I . 18.36 -12.39 9.39
MG MG J . 6.03 -7.48 13.40
MG MG K . 24.68 9.79 4.50
#